data_2GMS
#
_entry.id   2GMS
#
_cell.length_a   74.900
_cell.length_b   88.100
_cell.length_c   125.800
_cell.angle_alpha   90.00
_cell.angle_beta   90.00
_cell.angle_gamma   90.00
#
_symmetry.space_group_name_H-M   'P 21 21 21'
#
loop_
_entity.id
_entity.type
_entity.pdbx_description
1 polymer 'Putative pyridoxamine 5-phosphate-dependent dehydrase, Wbdk'
2 non-polymer 'MAGNESIUM ION'
3 non-polymer '[4-(DIHYDROXYMETHYL)-5-HYDROXY-6-METHYLPYRIDIN-3-YL]METHYL DIHYDROGEN PHOSPHATE'
4 water water
#
_entity_poly.entity_id   1
_entity_poly.type   'polypeptide(L)'
_entity_poly.pdbx_seq_one_letter_code
;GHMINYPLASSTWDDLEYKAIQSVLDSKMFTMGEYVKQYETQFAKTFGSKYAVMVSSGSTANLLMIAALFFTKKPRLKKG
DEIIVPAVSWSTTYYPLQQYGLRVKFVDIDINTLNIDIESLKEAVTDSTKAILTVNLLGNPNNFDEINKIIGGRDIILLE
DNCESMGATFNNKCAGTFGLMGTFSSFYSHHIATMEGGCIVTDDEEIYHILLCIRAHGWTRNLPKKNKVTGVKSDDQFEE
SFKFVLPGYNVRPLEMSGAIGIEQLKKLPRFISVRRKNAEYFLDKFKDHPYLDVQQETGESSWFGFSFIIKKDSGVIRKQ
LVENLNSAGIECRPIVTGNFLKNTDVLKYFDYTVHNNVDNAEYLDKNGLFVGNHQIELFDEIDYLREVLK
;
_entity_poly.pdbx_strand_id   A,B
#
loop_
_chem_comp.id
_chem_comp.type
_chem_comp.name
_chem_comp.formula
MG non-polymer 'MAGNESIUM ION' 'Mg 2'
P0P non-polymer '[4-(DIHYDROXYMETHYL)-5-HYDROXY-6-METHYLPYRIDIN-3-YL]METHYL DIHYDROGEN PHOSPHATE' 'C8 H12 N O7 P'
#
# COMPACT_ATOMS: atom_id res chain seq x y z
N GLY A 1 -15.57 -16.92 -20.43
CA GLY A 1 -16.94 -17.31 -20.71
C GLY A 1 -17.84 -16.12 -20.42
N HIS A 2 -17.97 -15.29 -21.43
CA HIS A 2 -18.70 -14.07 -21.24
C HIS A 2 -19.83 -13.81 -22.20
N MET A 3 -19.68 -14.23 -23.46
CA MET A 3 -20.77 -13.92 -24.37
C MET A 3 -21.00 -12.41 -24.33
N ILE A 4 -19.94 -11.69 -24.73
CA ILE A 4 -19.91 -10.26 -24.76
C ILE A 4 -19.54 -9.80 -26.15
N ASN A 5 -20.34 -8.89 -26.68
CA ASN A 5 -20.09 -8.33 -27.97
C ASN A 5 -19.17 -7.10 -27.88
N TYR A 6 -19.20 -6.41 -26.76
CA TYR A 6 -18.42 -5.19 -26.59
C TYR A 6 -18.04 -5.03 -25.13
N PRO A 7 -16.82 -5.41 -24.83
CA PRO A 7 -16.32 -5.42 -23.47
C PRO A 7 -15.79 -4.09 -23.02
N LEU A 8 -15.84 -3.91 -21.71
CA LEU A 8 -15.35 -2.68 -21.17
C LEU A 8 -13.85 -2.72 -21.21
N ALA A 9 -13.28 -3.91 -20.91
CA ALA A 9 -11.84 -4.11 -20.86
C ALA A 9 -11.21 -5.11 -21.83
N SER A 10 -9.88 -5.05 -21.89
CA SER A 10 -9.07 -5.90 -22.71
C SER A 10 -7.64 -5.90 -22.22
N SER A 11 -6.90 -6.91 -22.67
CA SER A 11 -5.52 -7.00 -22.29
C SER A 11 -4.68 -6.21 -23.28
N THR A 12 -3.64 -5.63 -22.74
CA THR A 12 -2.72 -4.80 -23.49
C THR A 12 -1.42 -5.54 -23.69
N TRP A 13 -1.38 -6.81 -23.30
CA TRP A 13 -0.11 -7.46 -23.42
C TRP A 13 0.08 -8.34 -24.63
N ASP A 14 1.35 -8.50 -25.00
CA ASP A 14 1.74 -9.42 -26.03
C ASP A 14 2.88 -10.27 -25.50
N ASP A 15 3.61 -10.95 -26.40
CA ASP A 15 4.71 -11.82 -26.01
C ASP A 15 5.76 -11.06 -25.26
N LEU A 16 5.87 -9.79 -25.61
CA LEU A 16 6.87 -8.94 -25.00
C LEU A 16 6.77 -8.87 -23.49
N GLU A 17 5.55 -8.70 -22.98
CA GLU A 17 5.37 -8.62 -21.54
C GLU A 17 5.65 -9.95 -20.87
N TYR A 18 5.28 -11.04 -21.52
CA TYR A 18 5.49 -12.35 -20.97
C TYR A 18 6.97 -12.66 -20.83
N LYS A 19 7.68 -12.21 -21.86
CA LYS A 19 9.12 -12.34 -21.97
C LYS A 19 9.77 -11.54 -20.87
N ALA A 20 9.16 -10.39 -20.58
CA ALA A 20 9.68 -9.52 -19.55
C ALA A 20 9.58 -10.19 -18.18
N ILE A 21 8.47 -10.89 -17.98
CA ILE A 21 8.26 -11.60 -16.74
C ILE A 21 9.30 -12.73 -16.62
N GLN A 22 9.56 -13.42 -17.72
CA GLN A 22 10.51 -14.51 -17.71
C GLN A 22 11.87 -14.05 -17.29
N SER A 23 12.21 -12.90 -17.84
CA SER A 23 13.47 -12.28 -17.56
C SER A 23 13.74 -12.00 -16.08
N VAL A 24 12.68 -11.56 -15.33
CA VAL A 24 12.76 -11.29 -13.88
C VAL A 24 12.92 -12.60 -13.08
N LEU A 25 12.21 -13.62 -13.55
CA LEU A 25 12.21 -14.95 -12.95
C LEU A 25 13.62 -15.49 -12.97
N ASP A 26 14.18 -15.36 -14.15
CA ASP A 26 15.52 -15.80 -14.37
C ASP A 26 16.54 -15.05 -13.49
N SER A 27 16.28 -13.77 -13.28
CA SER A 27 17.19 -12.99 -12.46
C SER A 27 17.13 -13.36 -10.99
N LYS A 28 16.01 -13.97 -10.63
CA LYS A 28 15.82 -14.31 -9.24
C LYS A 28 15.77 -13.11 -8.30
N MET A 29 15.65 -11.86 -8.81
CA MET A 29 15.55 -10.68 -7.96
C MET A 29 14.17 -10.08 -8.11
N PHE A 30 13.31 -10.41 -7.14
CA PHE A 30 11.93 -10.04 -7.17
C PHE A 30 11.48 -8.72 -6.55
N THR A 31 12.32 -8.17 -5.68
CA THR A 31 12.05 -6.92 -4.96
C THR A 31 12.44 -5.71 -5.79
N MET A 32 11.66 -4.64 -5.66
CA MET A 32 11.89 -3.41 -6.40
C MET A 32 13.39 -3.16 -6.60
N GLY A 33 13.82 -3.02 -7.86
CA GLY A 33 15.23 -2.81 -8.06
C GLY A 33 15.51 -2.08 -9.35
N GLU A 34 16.34 -2.72 -10.16
CA GLU A 34 16.77 -2.20 -11.46
C GLU A 34 15.66 -1.95 -12.46
N TYR A 35 14.74 -2.93 -12.65
CA TYR A 35 13.66 -2.71 -13.60
C TYR A 35 12.77 -1.53 -13.21
N VAL A 36 12.47 -1.46 -11.92
CA VAL A 36 11.64 -0.36 -11.45
C VAL A 36 12.36 0.96 -11.73
N LYS A 37 13.68 1.00 -11.45
CA LYS A 37 14.47 2.22 -11.70
C LYS A 37 14.53 2.60 -13.18
N GLN A 38 14.66 1.61 -14.07
CA GLN A 38 14.64 1.90 -15.49
C GLN A 38 13.29 2.45 -15.92
N TYR A 39 12.26 1.77 -15.45
CA TYR A 39 10.92 2.18 -15.76
C TYR A 39 10.67 3.65 -15.38
N GLU A 40 11.08 4.01 -14.15
CA GLU A 40 10.90 5.36 -13.66
C GLU A 40 11.58 6.37 -14.55
N THR A 41 12.77 5.99 -14.98
CA THR A 41 13.53 6.89 -15.85
C THR A 41 12.82 7.11 -17.17
N GLN A 42 12.35 6.02 -17.78
CA GLN A 42 11.64 6.07 -19.05
C GLN A 42 10.33 6.84 -18.91
N PHE A 43 9.70 6.59 -17.77
CA PHE A 43 8.43 7.21 -17.41
C PHE A 43 8.56 8.72 -17.34
N ALA A 44 9.54 9.18 -16.57
CA ALA A 44 9.74 10.62 -16.48
C ALA A 44 9.98 11.21 -17.86
N LYS A 45 10.86 10.56 -18.63
CA LYS A 45 11.20 10.98 -19.96
C LYS A 45 10.01 11.07 -20.92
N THR A 46 9.11 10.11 -20.82
CA THR A 46 7.96 10.00 -21.69
C THR A 46 6.98 11.15 -21.52
N PHE A 47 6.77 11.55 -20.27
CA PHE A 47 5.80 12.63 -20.03
C PHE A 47 6.42 14.02 -19.88
N GLY A 48 7.74 14.10 -19.81
CA GLY A 48 8.39 15.38 -19.67
C GLY A 48 8.48 15.87 -18.24
N SER A 49 8.72 14.97 -17.31
CA SER A 49 8.88 15.43 -15.97
C SER A 49 10.31 15.13 -15.62
N LYS A 50 10.81 15.73 -14.56
CA LYS A 50 12.17 15.46 -14.18
C LYS A 50 12.30 14.14 -13.43
N TYR A 51 11.30 13.82 -12.60
CA TYR A 51 11.32 12.64 -11.74
C TYR A 51 10.04 11.85 -11.79
N ALA A 52 10.15 10.56 -11.52
CA ALA A 52 9.01 9.65 -11.46
C ALA A 52 9.27 8.63 -10.33
N VAL A 53 8.24 8.31 -9.56
CA VAL A 53 8.34 7.34 -8.49
C VAL A 53 7.22 6.32 -8.67
N MET A 54 7.59 5.06 -8.90
CA MET A 54 6.62 4.00 -9.08
C MET A 54 6.18 3.50 -7.70
N VAL A 55 4.87 3.32 -7.56
CA VAL A 55 4.26 2.85 -6.31
C VAL A 55 3.40 1.63 -6.59
N SER A 56 2.87 0.99 -5.57
CA SER A 56 2.09 -0.23 -5.74
C SER A 56 0.75 -0.10 -6.49
N SER A 57 0.15 1.08 -6.50
CA SER A 57 -1.11 1.36 -7.17
C SER A 57 -1.27 2.85 -7.39
N GLY A 58 -2.25 3.19 -8.20
CA GLY A 58 -2.54 4.59 -8.42
C GLY A 58 -3.10 5.10 -7.09
N SER A 59 -3.75 4.22 -6.31
CA SER A 59 -4.31 4.64 -5.02
C SER A 59 -3.24 5.03 -4.02
N THR A 60 -2.15 4.29 -3.99
CA THR A 60 -1.06 4.62 -3.07
C THR A 60 -0.24 5.79 -3.64
N ALA A 61 -0.35 6.04 -4.96
CA ALA A 61 0.33 7.17 -5.56
C ALA A 61 -0.31 8.45 -4.94
N ASN A 62 -1.63 8.44 -4.94
CA ASN A 62 -2.44 9.53 -4.39
C ASN A 62 -2.13 9.78 -2.91
N LEU A 63 -2.04 8.68 -2.18
CA LEU A 63 -1.74 8.72 -0.76
C LEU A 63 -0.43 9.43 -0.47
N LEU A 64 0.61 9.00 -1.17
CA LEU A 64 1.91 9.57 -1.00
C LEU A 64 1.92 10.99 -1.52
N MET A 65 1.17 11.24 -2.59
CA MET A 65 1.16 12.60 -3.08
C MET A 65 0.69 13.56 -2.00
N ILE A 66 -0.35 13.19 -1.28
CA ILE A 66 -0.84 14.09 -0.24
C ILE A 66 0.10 14.14 0.94
N ALA A 67 0.57 12.95 1.32
CA ALA A 67 1.46 12.84 2.44
C ALA A 67 2.72 13.68 2.31
N ALA A 68 3.31 13.68 1.12
CA ALA A 68 4.56 14.40 0.87
C ALA A 68 4.49 15.88 1.24
N LEU A 69 3.31 16.46 1.07
CA LEU A 69 3.11 17.87 1.34
C LEU A 69 3.28 18.27 2.81
N PHE A 70 3.13 17.30 3.71
CA PHE A 70 3.26 17.54 5.12
C PHE A 70 4.69 17.45 5.60
N PHE A 71 5.54 16.89 4.74
CA PHE A 71 6.92 16.64 5.12
C PHE A 71 8.00 17.50 4.53
N THR A 72 7.63 18.50 3.75
CA THR A 72 8.63 19.40 3.17
C THR A 72 9.25 20.16 4.33
N LYS A 73 10.49 20.63 4.18
CA LYS A 73 11.19 21.35 5.25
C LYS A 73 10.33 22.45 5.84
N LYS A 74 9.69 23.11 4.92
CA LYS A 74 8.71 24.13 5.17
C LYS A 74 7.43 23.44 4.72
N PRO A 75 6.65 22.91 5.67
CA PRO A 75 5.45 22.18 5.30
C PRO A 75 4.54 22.94 4.37
N ARG A 76 4.12 22.24 3.31
CA ARG A 76 3.23 22.82 2.32
C ARG A 76 1.77 22.79 2.74
N LEU A 77 1.43 21.74 3.50
CA LEU A 77 0.09 21.59 4.01
C LEU A 77 0.13 21.27 5.48
N LYS A 78 -0.99 21.55 6.12
CA LYS A 78 -1.17 21.24 7.51
C LYS A 78 -2.62 20.86 7.76
N LYS A 79 -2.83 20.18 8.88
CA LYS A 79 -4.17 19.77 9.26
C LYS A 79 -5.16 20.92 9.22
N GLY A 80 -6.34 20.64 8.70
CA GLY A 80 -7.35 21.66 8.64
C GLY A 80 -7.24 22.54 7.40
N ASP A 81 -6.17 22.39 6.63
CA ASP A 81 -6.06 23.21 5.45
C ASP A 81 -7.08 22.81 4.41
N GLU A 82 -7.59 23.82 3.69
CA GLU A 82 -8.60 23.63 2.66
C GLU A 82 -8.05 23.19 1.33
N ILE A 83 -8.69 22.11 0.83
CA ILE A 83 -8.38 21.56 -0.46
C ILE A 83 -9.63 21.45 -1.31
N ILE A 84 -9.55 21.89 -2.55
CA ILE A 84 -10.72 21.79 -3.40
C ILE A 84 -10.61 20.56 -4.28
N VAL A 85 -11.77 19.92 -4.50
CA VAL A 85 -11.95 18.73 -5.32
C VAL A 85 -13.28 18.74 -6.09
N PRO A 86 -13.30 18.07 -7.25
CA PRO A 86 -14.52 17.98 -8.02
C PRO A 86 -15.35 16.89 -7.37
N ALA A 87 -16.64 16.91 -7.67
CA ALA A 87 -17.54 15.96 -7.08
C ALA A 87 -17.56 14.58 -7.71
N VAL A 88 -16.91 14.40 -8.85
CA VAL A 88 -16.89 13.11 -9.52
C VAL A 88 -15.46 12.64 -9.70
N SER A 89 -15.14 11.49 -9.12
CA SER A 89 -13.82 10.90 -9.20
C SER A 89 -13.82 9.50 -8.59
N TRP A 90 -12.67 8.87 -8.47
CA TRP A 90 -12.59 7.56 -7.86
C TRP A 90 -12.53 7.74 -6.33
N SER A 91 -12.95 6.77 -5.55
CA SER A 91 -12.91 6.96 -4.11
C SER A 91 -11.55 7.31 -3.51
N THR A 92 -10.49 6.74 -4.07
CA THR A 92 -9.15 6.96 -3.55
C THR A 92 -8.54 8.29 -3.90
N THR A 93 -9.31 9.11 -4.56
CA THR A 93 -8.81 10.43 -4.82
C THR A 93 -9.08 11.20 -3.51
N TYR A 94 -10.19 10.84 -2.86
CA TYR A 94 -10.66 11.49 -1.65
C TYR A 94 -10.10 11.02 -0.31
N TYR A 95 -10.04 9.72 -0.08
CA TYR A 95 -9.61 9.21 1.20
C TYR A 95 -8.35 9.82 1.80
N PRO A 96 -7.27 9.95 1.02
CA PRO A 96 -6.04 10.49 1.60
C PRO A 96 -6.26 11.83 2.26
N LEU A 97 -7.16 12.63 1.68
CA LEU A 97 -7.46 13.94 2.22
C LEU A 97 -8.00 13.78 3.63
N GLN A 98 -8.88 12.83 3.76
CA GLN A 98 -9.47 12.51 5.05
C GLN A 98 -8.40 11.96 5.99
N GLN A 99 -7.62 11.05 5.48
CA GLN A 99 -6.59 10.47 6.29
C GLN A 99 -5.59 11.48 6.80
N TYR A 100 -5.44 12.60 6.09
CA TYR A 100 -4.49 13.63 6.51
C TYR A 100 -5.10 14.83 7.24
N GLY A 101 -6.39 14.72 7.58
CA GLY A 101 -7.09 15.79 8.30
C GLY A 101 -7.29 17.12 7.56
N LEU A 102 -7.47 17.04 6.25
CA LEU A 102 -7.68 18.24 5.48
C LEU A 102 -9.13 18.56 5.41
N ARG A 103 -9.39 19.81 5.15
CA ARG A 103 -10.76 20.26 5.00
C ARG A 103 -11.07 20.24 3.49
N VAL A 104 -12.07 19.43 3.14
CA VAL A 104 -12.45 19.19 1.77
C VAL A 104 -13.61 20.03 1.28
N LYS A 105 -13.36 20.74 0.20
CA LYS A 105 -14.37 21.54 -0.43
C LYS A 105 -14.67 20.98 -1.82
N PHE A 106 -15.83 20.35 -1.93
CA PHE A 106 -16.34 19.76 -3.14
C PHE A 106 -16.90 20.83 -4.08
N VAL A 107 -16.49 20.77 -5.35
CA VAL A 107 -16.97 21.69 -6.38
C VAL A 107 -17.67 20.86 -7.49
N ASP A 108 -18.83 21.31 -7.99
CA ASP A 108 -19.57 20.61 -9.04
C ASP A 108 -18.76 20.47 -10.34
N ILE A 109 -19.19 19.54 -11.19
CA ILE A 109 -18.50 19.40 -12.46
C ILE A 109 -19.27 20.12 -13.56
N ASP A 110 -18.58 20.25 -14.70
CA ASP A 110 -19.11 20.78 -15.92
C ASP A 110 -19.77 19.56 -16.60
N ILE A 111 -21.03 19.71 -16.98
CA ILE A 111 -21.73 18.57 -17.55
C ILE A 111 -21.25 18.14 -18.92
N ASN A 112 -20.52 19.03 -19.61
CA ASN A 112 -20.01 18.70 -20.93
C ASN A 112 -18.66 17.98 -20.94
N THR A 113 -17.70 18.59 -20.25
CA THR A 113 -16.34 18.06 -20.14
C THR A 113 -16.21 16.96 -19.09
N LEU A 114 -17.12 17.00 -18.10
CA LEU A 114 -17.11 16.07 -17.02
C LEU A 114 -16.00 16.39 -15.98
N ASN A 115 -15.24 17.44 -16.25
CA ASN A 115 -14.18 17.89 -15.36
C ASN A 115 -14.74 18.97 -14.46
N ILE A 116 -13.95 19.47 -13.50
CA ILE A 116 -14.41 20.51 -12.59
C ILE A 116 -14.96 21.75 -13.31
N ASP A 117 -16.11 22.26 -12.85
CA ASP A 117 -16.73 23.43 -13.45
C ASP A 117 -15.88 24.65 -13.19
N ILE A 118 -15.34 25.21 -14.27
CA ILE A 118 -14.47 26.37 -14.18
C ILE A 118 -15.13 27.58 -13.54
N GLU A 119 -16.37 27.88 -13.94
CA GLU A 119 -17.07 29.02 -13.39
C GLU A 119 -17.29 28.93 -11.89
N SER A 120 -17.69 27.74 -11.43
CA SER A 120 -17.91 27.48 -10.02
C SER A 120 -16.59 27.53 -9.25
N LEU A 121 -15.52 27.09 -9.91
CA LEU A 121 -14.20 27.08 -9.31
C LEU A 121 -13.79 28.50 -8.98
N LYS A 122 -14.06 29.38 -9.91
CA LYS A 122 -13.77 30.78 -9.75
C LYS A 122 -14.32 31.30 -8.41
N GLU A 123 -15.60 30.97 -8.17
CA GLU A 123 -16.28 31.39 -6.96
C GLU A 123 -15.82 30.61 -5.76
N ALA A 124 -15.45 29.34 -5.98
CA ALA A 124 -15.03 28.52 -4.88
C ALA A 124 -13.69 28.91 -4.28
N VAL A 125 -12.82 29.47 -5.07
CA VAL A 125 -11.53 29.80 -4.50
C VAL A 125 -11.54 31.00 -3.58
N THR A 126 -10.94 30.85 -2.38
CA THR A 126 -10.84 31.94 -1.42
C THR A 126 -9.41 32.05 -0.93
N ASP A 127 -9.20 32.92 0.06
CA ASP A 127 -7.85 33.08 0.60
C ASP A 127 -7.49 31.91 1.49
N SER A 128 -8.52 31.16 1.85
CA SER A 128 -8.36 29.99 2.68
C SER A 128 -7.94 28.78 1.83
N THR A 129 -8.22 28.84 0.53
CA THR A 129 -7.86 27.72 -0.33
C THR A 129 -6.34 27.55 -0.41
N LYS A 130 -5.88 26.37 0.00
CA LYS A 130 -4.45 26.05 0.00
C LYS A 130 -4.00 25.19 -1.19
N ALA A 131 -4.92 24.40 -1.73
CA ALA A 131 -4.63 23.49 -2.83
C ALA A 131 -5.88 23.10 -3.59
N ILE A 132 -5.61 22.76 -4.83
CA ILE A 132 -6.66 22.34 -5.72
C ILE A 132 -6.24 21.00 -6.30
N LEU A 133 -7.04 20.01 -6.03
CA LEU A 133 -6.72 18.71 -6.56
C LEU A 133 -7.63 18.43 -7.72
N THR A 134 -7.09 18.59 -8.94
CA THR A 134 -7.82 18.35 -10.16
C THR A 134 -7.76 16.89 -10.55
N VAL A 135 -8.74 16.46 -11.33
CA VAL A 135 -8.83 15.10 -11.81
C VAL A 135 -9.09 15.19 -13.30
N ASN A 136 -8.29 14.52 -14.14
CA ASN A 136 -8.57 14.57 -15.57
C ASN A 136 -9.45 13.38 -15.87
N LEU A 137 -10.75 13.61 -15.99
CA LEU A 137 -11.68 12.52 -16.16
C LEU A 137 -11.81 11.87 -17.52
N LEU A 138 -11.75 10.54 -17.47
CA LEU A 138 -11.93 9.69 -18.63
C LEU A 138 -11.00 9.93 -19.80
N GLY A 139 -9.84 10.51 -19.54
CA GLY A 139 -8.90 10.76 -20.59
C GLY A 139 -8.85 12.24 -20.93
N ASN A 140 -9.83 12.98 -20.45
CA ASN A 140 -9.99 14.41 -20.74
C ASN A 140 -9.32 15.37 -19.78
N PRO A 141 -8.35 16.13 -20.29
CA PRO A 141 -7.64 17.08 -19.45
C PRO A 141 -8.50 18.27 -19.05
N ASN A 142 -8.09 18.89 -17.97
CA ASN A 142 -8.74 20.08 -17.52
C ASN A 142 -8.11 21.23 -18.31
N ASN A 143 -8.80 22.33 -18.39
CA ASN A 143 -8.25 23.47 -19.07
C ASN A 143 -7.39 24.18 -18.06
N PHE A 144 -6.11 23.79 -18.04
CA PHE A 144 -5.13 24.34 -17.12
C PHE A 144 -4.85 25.83 -17.30
N ASP A 145 -5.10 26.34 -18.51
CA ASP A 145 -4.88 27.75 -18.76
C ASP A 145 -5.87 28.59 -17.93
N GLU A 146 -7.12 28.16 -17.94
CA GLU A 146 -8.14 28.81 -17.15
C GLU A 146 -7.91 28.62 -15.66
N ILE A 147 -7.53 27.42 -15.27
CA ILE A 147 -7.30 27.14 -13.86
C ILE A 147 -6.20 28.03 -13.33
N ASN A 148 -5.18 28.12 -14.18
CA ASN A 148 -4.00 28.93 -13.95
C ASN A 148 -4.38 30.42 -13.76
N LYS A 149 -5.38 30.87 -14.54
CA LYS A 149 -5.87 32.24 -14.43
C LYS A 149 -6.59 32.42 -13.10
N ILE A 150 -7.22 31.34 -12.64
CA ILE A 150 -7.93 31.38 -11.39
C ILE A 150 -6.99 31.46 -10.22
N ILE A 151 -5.95 30.66 -10.23
CA ILE A 151 -5.04 30.76 -9.11
C ILE A 151 -4.43 32.15 -9.01
N GLY A 152 -4.38 32.78 -10.16
CA GLY A 152 -3.91 34.14 -10.33
C GLY A 152 -2.70 34.55 -9.50
N GLY A 153 -1.69 33.70 -9.50
CA GLY A 153 -0.52 34.06 -8.75
C GLY A 153 -0.64 33.79 -7.27
N ARG A 154 -1.83 33.55 -6.75
CA ARG A 154 -1.89 33.25 -5.35
C ARG A 154 -1.06 32.01 -5.06
N ASP A 155 -0.88 31.74 -3.77
CA ASP A 155 -0.10 30.60 -3.36
C ASP A 155 -0.95 29.37 -3.07
N ILE A 156 -1.37 28.77 -4.16
CA ILE A 156 -2.21 27.61 -4.09
C ILE A 156 -1.51 26.53 -4.84
N ILE A 157 -1.47 25.36 -4.23
CA ILE A 157 -0.85 24.21 -4.84
C ILE A 157 -1.83 23.53 -5.78
N LEU A 158 -1.35 23.23 -6.96
CA LEU A 158 -2.17 22.54 -7.92
C LEU A 158 -1.70 21.11 -7.98
N LEU A 159 -2.64 20.19 -7.85
CA LEU A 159 -2.32 18.79 -7.93
C LEU A 159 -3.16 18.12 -9.00
N GLU A 160 -2.68 16.97 -9.48
CA GLU A 160 -3.41 16.21 -10.48
C GLU A 160 -3.52 14.72 -10.20
N ASP A 161 -4.74 14.22 -10.28
CA ASP A 161 -4.97 12.80 -10.22
C ASP A 161 -5.14 12.49 -11.72
N ASN A 162 -4.12 11.90 -12.34
CA ASN A 162 -4.13 11.58 -13.76
C ASN A 162 -4.27 10.07 -14.02
N CYS A 163 -4.90 9.39 -13.06
CA CYS A 163 -5.12 7.95 -13.13
C CYS A 163 -5.94 7.46 -14.31
N GLU A 164 -6.70 8.33 -14.99
CA GLU A 164 -7.52 7.94 -16.15
C GLU A 164 -7.09 8.60 -17.45
N SER A 165 -6.14 9.54 -17.35
CA SER A 165 -5.75 10.27 -18.52
C SER A 165 -4.29 10.21 -18.97
N MET A 166 -3.67 9.09 -18.69
CA MET A 166 -2.33 8.95 -19.13
C MET A 166 -2.31 9.20 -20.64
N GLY A 167 -1.37 10.04 -21.08
CA GLY A 167 -1.24 10.30 -22.51
C GLY A 167 -2.03 11.51 -23.00
N ALA A 168 -2.86 12.11 -22.17
CA ALA A 168 -3.58 13.27 -22.65
C ALA A 168 -2.66 14.48 -22.66
N THR A 169 -2.96 15.43 -23.55
CA THR A 169 -2.16 16.63 -23.62
C THR A 169 -3.07 17.84 -23.66
N PHE A 170 -2.48 18.97 -23.25
CA PHE A 170 -3.10 20.27 -23.26
C PHE A 170 -2.03 21.31 -23.54
N ASN A 171 -2.27 22.04 -24.63
CA ASN A 171 -1.35 23.05 -25.13
C ASN A 171 0.02 22.49 -25.29
N ASN A 172 0.06 21.30 -25.85
CA ASN A 172 1.32 20.63 -26.10
C ASN A 172 1.99 20.13 -24.82
N LYS A 173 1.27 20.08 -23.71
CA LYS A 173 1.88 19.63 -22.48
C LYS A 173 1.13 18.43 -21.94
N CYS A 174 1.85 17.47 -21.43
CA CYS A 174 1.25 16.25 -20.93
C CYS A 174 0.51 16.41 -19.63
N ALA A 175 -0.72 15.90 -19.61
CA ALA A 175 -1.52 15.89 -18.41
C ALA A 175 -0.72 15.12 -17.35
N GLY A 176 -0.73 15.56 -16.11
CA GLY A 176 -0.02 14.95 -15.00
C GLY A 176 1.21 15.76 -14.64
N THR A 177 1.61 16.63 -15.58
CA THR A 177 2.81 17.45 -15.44
C THR A 177 2.51 18.87 -15.13
N PHE A 178 1.25 19.22 -15.13
CA PHE A 178 0.86 20.56 -14.84
C PHE A 178 0.98 20.90 -13.38
N GLY A 179 0.54 19.98 -12.51
CA GLY A 179 0.58 20.23 -11.08
C GLY A 179 1.92 19.95 -10.41
N LEU A 180 2.05 20.41 -9.16
CA LEU A 180 3.28 20.16 -8.42
C LEU A 180 3.60 18.67 -8.51
N MET A 181 2.54 17.86 -8.46
CA MET A 181 2.69 16.43 -8.59
C MET A 181 1.52 15.97 -9.44
N GLY A 182 1.70 14.82 -10.05
CA GLY A 182 0.67 14.19 -10.84
C GLY A 182 0.65 12.68 -10.58
N THR A 183 -0.54 12.07 -10.47
CA THR A 183 -0.58 10.62 -10.26
C THR A 183 -1.12 9.87 -11.49
N PHE A 184 -0.65 8.62 -11.64
CA PHE A 184 -1.01 7.72 -12.71
C PHE A 184 -1.27 6.31 -12.17
N SER A 185 -2.02 5.54 -12.95
CA SER A 185 -2.36 4.18 -12.58
C SER A 185 -2.06 3.25 -13.74
N SER A 186 -1.47 2.10 -13.41
CA SER A 186 -1.17 1.07 -14.38
C SER A 186 -1.89 -0.22 -14.01
N PHE A 187 -3.04 -0.03 -13.41
CA PHE A 187 -3.84 -1.20 -13.05
C PHE A 187 -4.44 -1.77 -14.34
N TYR A 188 -4.94 -3.02 -14.26
CA TYR A 188 -5.58 -3.68 -15.38
C TYR A 188 -6.57 -2.76 -16.08
N SER A 189 -6.47 -2.78 -17.40
CA SER A 189 -7.34 -2.00 -18.25
C SER A 189 -7.14 -0.50 -18.24
N HIS A 190 -5.97 -0.03 -17.87
CA HIS A 190 -5.74 1.38 -17.96
C HIS A 190 -5.03 1.60 -19.27
N HIS A 191 -4.48 2.77 -19.54
CA HIS A 191 -3.76 2.99 -20.80
C HIS A 191 -2.63 1.95 -21.00
N ILE A 192 -1.94 1.67 -19.89
CA ILE A 192 -0.90 0.64 -19.76
C ILE A 192 -1.26 -0.19 -18.52
N ALA A 193 -0.81 -1.43 -18.46
CA ALA A 193 -1.16 -2.29 -17.32
C ALA A 193 -0.01 -3.14 -16.87
N THR A 194 0.24 -3.12 -15.56
CA THR A 194 1.34 -3.90 -14.99
C THR A 194 0.88 -4.80 -13.85
N MET A 195 -0.38 -5.25 -13.97
CA MET A 195 -1.11 -6.07 -13.00
C MET A 195 -1.75 -5.09 -12.04
N GLU A 196 -0.89 -4.46 -11.26
CA GLU A 196 -1.24 -3.36 -10.37
C GLU A 196 -0.10 -2.38 -10.48
N GLY A 197 -0.36 -1.10 -10.26
CA GLY A 197 0.74 -0.19 -10.34
C GLY A 197 0.29 1.26 -10.38
N GLY A 198 1.19 2.13 -9.93
CA GLY A 198 0.95 3.56 -9.92
C GLY A 198 2.28 4.30 -10.07
N CYS A 199 2.17 5.60 -10.30
CA CYS A 199 3.34 6.42 -10.43
C CYS A 199 3.03 7.85 -10.07
N ILE A 200 4.06 8.54 -9.56
CA ILE A 200 3.95 9.95 -9.23
C ILE A 200 5.04 10.68 -10.02
N VAL A 201 4.68 11.78 -10.64
CA VAL A 201 5.71 12.52 -11.34
C VAL A 201 5.82 13.87 -10.64
N THR A 202 6.98 14.50 -10.74
CA THR A 202 7.21 15.81 -10.15
C THR A 202 8.48 16.41 -10.73
N ASP A 203 8.58 17.73 -10.66
CA ASP A 203 9.77 18.42 -11.09
C ASP A 203 10.53 18.95 -9.86
N ASP A 204 9.93 18.78 -8.68
CA ASP A 204 10.52 19.24 -7.45
C ASP A 204 11.45 18.20 -6.80
N GLU A 205 12.73 18.55 -6.63
CA GLU A 205 13.68 17.63 -6.06
C GLU A 205 13.43 17.26 -4.62
N GLU A 206 13.03 18.25 -3.86
CA GLU A 206 12.78 17.95 -2.48
C GLU A 206 11.68 16.95 -2.34
N ILE A 207 10.62 17.16 -3.09
CA ILE A 207 9.46 16.27 -3.09
C ILE A 207 9.85 14.86 -3.57
N TYR A 208 10.67 14.82 -4.61
CA TYR A 208 11.15 13.57 -5.14
C TYR A 208 11.83 12.73 -4.05
N HIS A 209 12.72 13.36 -3.31
CA HIS A 209 13.41 12.67 -2.24
C HIS A 209 12.48 12.28 -1.11
N ILE A 210 11.49 13.12 -0.79
CA ILE A 210 10.52 12.81 0.25
C ILE A 210 9.79 11.53 -0.19
N LEU A 211 9.35 11.49 -1.45
CA LEU A 211 8.68 10.34 -2.00
C LEU A 211 9.51 9.07 -1.92
N LEU A 212 10.83 9.15 -2.21
CA LEU A 212 11.68 7.98 -2.17
C LEU A 212 11.76 7.37 -0.79
N CYS A 213 11.68 8.24 0.21
CA CYS A 213 11.76 7.88 1.60
C CYS A 213 10.50 7.21 2.18
N ILE A 214 9.35 7.87 1.96
CA ILE A 214 8.04 7.41 2.44
C ILE A 214 7.44 6.20 1.78
N ARG A 215 7.99 5.86 0.61
CA ARG A 215 7.55 4.75 -0.21
C ARG A 215 8.00 3.45 0.44
N ALA A 216 9.14 3.60 1.11
CA ALA A 216 9.77 2.45 1.70
C ALA A 216 10.31 2.67 3.09
N HIS A 217 9.45 2.40 4.04
CA HIS A 217 9.79 2.43 5.43
C HIS A 217 10.25 3.72 6.05
N GLY A 218 10.31 4.81 5.30
CA GLY A 218 10.77 6.04 5.93
C GLY A 218 12.27 6.00 6.20
N TRP A 219 12.96 5.17 5.46
CA TRP A 219 14.39 5.04 5.62
C TRP A 219 15.16 5.86 4.62
N THR A 220 16.49 5.74 4.69
CA THR A 220 17.39 6.50 3.82
C THR A 220 18.03 5.69 2.70
N ARG A 221 17.80 4.39 2.68
CA ARG A 221 18.42 3.53 1.69
C ARG A 221 18.24 3.89 0.24
N ASN A 222 17.10 4.48 -0.13
CA ASN A 222 16.87 4.85 -1.52
C ASN A 222 17.23 6.31 -1.84
N LEU A 223 17.80 7.00 -0.87
CA LEU A 223 18.16 8.39 -1.03
C LEU A 223 19.62 8.49 -1.44
N PRO A 224 19.95 9.57 -2.18
CA PRO A 224 21.30 9.85 -2.62
C PRO A 224 22.14 10.29 -1.43
N LYS A 225 23.46 10.19 -1.55
CA LYS A 225 24.33 10.57 -0.47
C LYS A 225 23.97 11.97 -0.02
N LYS A 226 23.81 12.84 -1.01
CA LYS A 226 23.43 14.21 -0.76
C LYS A 226 21.99 14.29 -1.19
N ASN A 227 21.12 14.51 -0.25
CA ASN A 227 19.71 14.53 -0.57
C ASN A 227 19.02 15.62 0.24
N LYS A 228 17.77 15.92 -0.13
CA LYS A 228 16.99 16.97 0.51
C LYS A 228 16.30 16.67 1.85
N VAL A 229 16.31 15.42 2.29
CA VAL A 229 15.67 15.05 3.54
C VAL A 229 16.66 15.02 4.68
N THR A 230 17.78 14.37 4.46
CA THR A 230 18.74 14.29 5.52
C THR A 230 20.01 15.07 5.22
N GLY A 231 20.08 15.69 4.06
CA GLY A 231 21.27 16.45 3.73
C GLY A 231 22.39 15.55 3.24
N VAL A 232 23.09 14.92 4.19
CA VAL A 232 24.18 14.02 3.82
C VAL A 232 24.24 12.75 4.66
N LYS A 233 24.17 11.62 3.96
CA LYS A 233 24.19 10.27 4.52
C LYS A 233 25.54 9.81 5.06
N SER A 234 25.51 9.26 6.26
CA SER A 234 26.72 8.75 6.88
C SER A 234 27.33 7.66 6.04
N ASP A 235 28.61 7.39 6.26
CA ASP A 235 29.24 6.33 5.51
C ASP A 235 29.09 5.04 6.25
N ASP A 236 28.90 5.20 7.56
CA ASP A 236 28.72 4.09 8.46
C ASP A 236 27.43 3.35 8.10
N GLN A 237 27.59 2.21 7.42
CA GLN A 237 26.46 1.39 6.99
C GLN A 237 25.61 0.72 8.08
N PHE A 238 26.24 0.15 9.11
CA PHE A 238 25.51 -0.47 10.21
C PHE A 238 24.67 0.61 10.87
N GLU A 239 25.02 1.85 10.58
CA GLU A 239 24.28 2.93 11.19
C GLU A 239 23.23 3.62 10.30
N GLU A 240 23.67 4.03 9.13
CA GLU A 240 22.88 4.74 8.15
C GLU A 240 21.78 3.90 7.52
N SER A 241 21.96 2.59 7.50
CA SER A 241 20.97 1.69 6.87
C SER A 241 19.71 1.41 7.69
N PHE A 242 19.79 1.76 8.98
CA PHE A 242 18.71 1.51 9.91
C PHE A 242 18.16 2.76 10.57
N LYS A 243 18.20 3.83 9.80
CA LYS A 243 17.74 5.13 10.24
C LYS A 243 16.44 5.53 9.53
N PHE A 244 15.43 5.91 10.33
CA PHE A 244 14.09 6.27 9.90
C PHE A 244 13.86 7.74 10.17
N VAL A 245 13.57 8.50 9.12
CA VAL A 245 13.43 9.94 9.25
C VAL A 245 12.06 10.55 9.00
N LEU A 246 11.21 9.80 8.35
CA LEU A 246 9.87 10.27 8.03
C LEU A 246 8.86 9.12 8.20
N PRO A 247 7.68 9.50 8.64
CA PRO A 247 6.64 8.51 8.83
C PRO A 247 6.02 8.11 7.48
N GLY A 248 6.48 6.98 6.94
CA GLY A 248 5.97 6.55 5.66
C GLY A 248 5.21 5.27 5.70
N TYR A 249 5.40 4.51 4.63
CA TYR A 249 4.72 3.25 4.41
C TYR A 249 5.65 2.30 3.69
N ASN A 250 5.07 1.17 3.30
CA ASN A 250 5.72 0.20 2.44
C ASN A 250 4.74 0.08 1.29
N VAL A 251 4.96 0.86 0.23
CA VAL A 251 4.08 0.79 -0.93
C VAL A 251 4.90 0.51 -2.18
N ARG A 252 5.98 -0.25 -2.00
CA ARG A 252 6.81 -0.51 -3.15
C ARG A 252 6.11 -1.39 -4.18
N PRO A 253 6.46 -1.22 -5.46
CA PRO A 253 5.89 -2.06 -6.49
C PRO A 253 6.81 -3.27 -6.63
N LEU A 254 6.32 -4.31 -7.27
CA LEU A 254 7.16 -5.47 -7.47
C LEU A 254 8.09 -5.22 -8.64
N GLU A 255 9.26 -5.81 -8.56
CA GLU A 255 10.19 -5.67 -9.66
C GLU A 255 9.55 -6.08 -11.00
N MET A 256 8.70 -7.12 -10.98
CA MET A 256 8.00 -7.58 -12.19
C MET A 256 7.18 -6.49 -12.88
N SER A 257 6.49 -5.69 -12.06
CA SER A 257 5.65 -4.62 -12.59
C SER A 257 6.45 -3.62 -13.39
N GLY A 258 7.65 -3.27 -12.89
CA GLY A 258 8.53 -2.35 -13.58
C GLY A 258 9.01 -2.95 -14.90
N ALA A 259 9.18 -4.26 -14.93
CA ALA A 259 9.65 -4.88 -16.13
C ALA A 259 8.59 -4.86 -17.20
N ILE A 260 7.37 -5.13 -16.75
CA ILE A 260 6.27 -5.13 -17.65
C ILE A 260 6.05 -3.71 -18.10
N GLY A 261 6.16 -2.77 -17.17
CA GLY A 261 5.95 -1.36 -17.47
C GLY A 261 6.85 -0.82 -18.58
N ILE A 262 8.09 -1.27 -18.59
CA ILE A 262 9.02 -0.85 -19.62
C ILE A 262 8.50 -1.19 -21.04
N GLU A 263 7.93 -2.38 -21.23
CA GLU A 263 7.40 -2.81 -22.52
C GLU A 263 6.16 -2.03 -22.94
N GLN A 264 5.32 -1.78 -21.96
CA GLN A 264 4.09 -1.05 -22.18
C GLN A 264 4.31 0.39 -22.66
N LEU A 265 5.28 1.07 -22.07
CA LEU A 265 5.59 2.44 -22.44
C LEU A 265 5.99 2.54 -23.90
N LYS A 266 6.64 1.49 -24.38
CA LYS A 266 7.05 1.53 -25.76
C LYS A 266 5.83 1.55 -26.69
N LYS A 267 4.82 0.77 -26.32
CA LYS A 267 3.60 0.65 -27.09
C LYS A 267 2.63 1.80 -26.92
N LEU A 268 2.82 2.53 -25.84
CA LEU A 268 1.92 3.58 -25.47
C LEU A 268 1.47 4.51 -26.57
N PRO A 269 2.40 5.04 -27.33
CA PRO A 269 2.05 5.96 -28.41
C PRO A 269 1.06 5.34 -29.38
N ARG A 270 1.23 4.04 -29.69
CA ARG A 270 0.33 3.35 -30.60
C ARG A 270 -1.00 3.16 -29.94
N PHE A 271 -0.97 2.87 -28.64
CA PHE A 271 -2.22 2.70 -27.95
C PHE A 271 -3.07 3.95 -28.02
N ILE A 272 -2.41 5.07 -27.76
CA ILE A 272 -3.08 6.34 -27.74
C ILE A 272 -3.63 6.67 -29.11
N SER A 273 -2.84 6.36 -30.11
CA SER A 273 -3.25 6.63 -31.45
C SER A 273 -4.50 5.82 -31.81
N VAL A 274 -4.53 4.53 -31.47
CA VAL A 274 -5.68 3.73 -31.78
C VAL A 274 -6.95 4.22 -31.07
N ARG A 275 -6.81 4.55 -29.78
CA ARG A 275 -7.92 5.07 -28.95
C ARG A 275 -8.49 6.37 -29.50
N ARG A 276 -7.61 7.22 -30.02
CA ARG A 276 -8.02 8.50 -30.60
C ARG A 276 -8.73 8.30 -31.94
N LYS A 277 -8.33 7.27 -32.67
CA LYS A 277 -8.92 6.98 -33.93
C LYS A 277 -10.29 6.35 -33.69
N ASN A 278 -10.43 5.64 -32.59
CA ASN A 278 -11.73 5.08 -32.25
C ASN A 278 -12.65 6.22 -31.85
N ALA A 279 -12.12 7.14 -31.07
CA ALA A 279 -12.89 8.27 -30.62
C ALA A 279 -13.40 9.14 -31.79
N GLU A 280 -12.55 9.42 -32.77
CA GLU A 280 -12.95 10.21 -33.95
C GLU A 280 -14.17 9.56 -34.63
N TYR A 281 -14.15 8.23 -34.75
CA TYR A 281 -15.25 7.50 -35.37
C TYR A 281 -16.54 7.53 -34.51
N PHE A 282 -16.36 7.33 -33.21
CA PHE A 282 -17.42 7.33 -32.23
C PHE A 282 -18.16 8.65 -32.27
N LEU A 283 -17.38 9.71 -32.22
CA LEU A 283 -17.88 11.07 -32.21
C LEU A 283 -18.74 11.40 -33.42
N ASP A 284 -18.29 10.90 -34.55
CA ASP A 284 -18.96 11.09 -35.81
C ASP A 284 -20.30 10.39 -35.75
N LYS A 285 -20.29 9.21 -35.17
CA LYS A 285 -21.55 8.53 -35.10
C LYS A 285 -22.49 9.06 -34.03
N PHE A 286 -21.94 9.64 -32.97
CA PHE A 286 -22.78 10.08 -31.88
C PHE A 286 -22.97 11.56 -31.69
N LYS A 287 -22.24 12.36 -32.46
CA LYS A 287 -22.28 13.81 -32.35
C LYS A 287 -23.69 14.36 -32.43
N ASP A 288 -24.53 13.70 -33.20
CA ASP A 288 -25.89 14.17 -33.38
C ASP A 288 -26.96 13.25 -32.81
N HIS A 289 -26.60 12.46 -31.81
CA HIS A 289 -27.55 11.57 -31.20
C HIS A 289 -28.75 12.34 -30.65
N PRO A 290 -29.89 11.77 -30.93
CA PRO A 290 -31.15 12.33 -30.51
C PRO A 290 -31.32 12.45 -29.02
N TYR A 291 -30.84 11.49 -28.20
CA TYR A 291 -31.05 11.62 -26.75
C TYR A 291 -29.83 11.44 -25.86
N LEU A 292 -28.65 11.45 -26.46
CA LEU A 292 -27.46 11.26 -25.68
C LEU A 292 -26.41 12.30 -25.98
N ASP A 293 -25.84 12.86 -24.94
CA ASP A 293 -24.77 13.78 -25.08
C ASP A 293 -23.43 13.10 -24.83
N VAL A 294 -22.43 13.49 -25.59
CA VAL A 294 -21.11 12.91 -25.43
C VAL A 294 -20.13 13.84 -24.69
N GLN A 295 -18.91 13.37 -24.33
CA GLN A 295 -17.94 14.19 -23.63
C GLN A 295 -17.31 15.28 -24.47
N GLN A 296 -17.35 16.49 -23.97
CA GLN A 296 -16.75 17.54 -24.74
C GLN A 296 -15.23 17.52 -24.57
N GLU A 297 -14.49 17.35 -25.67
CA GLU A 297 -13.03 17.26 -25.59
C GLU A 297 -12.33 18.59 -25.31
N THR A 298 -11.34 18.53 -24.42
CA THR A 298 -10.48 19.66 -24.06
C THR A 298 -9.07 19.24 -24.44
N GLY A 299 -8.39 20.03 -25.26
CA GLY A 299 -7.06 19.66 -25.67
C GLY A 299 -7.18 18.35 -26.44
N GLU A 300 -6.27 17.44 -26.18
CA GLU A 300 -6.29 16.14 -26.81
C GLU A 300 -6.49 15.07 -25.77
N SER A 301 -7.72 14.61 -25.67
CA SER A 301 -8.03 13.59 -24.69
C SER A 301 -7.40 12.26 -25.07
N SER A 302 -7.17 11.44 -24.07
CA SER A 302 -6.64 10.11 -24.26
C SER A 302 -7.79 9.06 -24.24
N TRP A 303 -9.03 9.54 -24.24
CA TRP A 303 -10.23 8.70 -24.33
C TRP A 303 -10.15 7.35 -23.63
N PHE A 304 -10.17 7.40 -22.32
CA PHE A 304 -10.14 6.22 -21.51
C PHE A 304 -11.35 5.37 -21.83
N GLY A 305 -12.48 6.02 -22.03
CA GLY A 305 -13.69 5.32 -22.36
C GLY A 305 -14.70 6.34 -22.89
N PHE A 306 -15.89 5.85 -23.26
CA PHE A 306 -16.92 6.70 -23.83
C PHE A 306 -18.11 6.92 -22.92
N SER A 307 -18.29 8.17 -22.51
CA SER A 307 -19.40 8.54 -21.64
C SER A 307 -20.65 8.99 -22.43
N PHE A 308 -21.79 8.83 -21.78
CA PHE A 308 -23.05 9.25 -22.31
C PHE A 308 -23.89 9.77 -21.16
N ILE A 309 -24.53 10.91 -21.42
CA ILE A 309 -25.47 11.57 -20.50
C ILE A 309 -26.77 11.72 -21.27
N ILE A 310 -27.87 11.23 -20.66
CA ILE A 310 -29.17 11.32 -21.29
C ILE A 310 -29.57 12.77 -21.34
N LYS A 311 -30.08 13.20 -22.49
CA LYS A 311 -30.50 14.59 -22.62
C LYS A 311 -31.73 14.89 -21.78
N LYS A 312 -31.75 16.10 -21.25
CA LYS A 312 -32.90 16.48 -20.43
C LYS A 312 -34.19 16.53 -21.24
N ASP A 313 -35.29 16.15 -20.60
CA ASP A 313 -36.57 16.19 -21.29
C ASP A 313 -36.61 15.31 -22.53
N SER A 314 -35.89 14.17 -22.45
CA SER A 314 -35.82 13.20 -23.52
C SER A 314 -36.82 12.05 -23.29
N GLY A 315 -37.16 11.87 -22.03
CA GLY A 315 -38.07 10.78 -21.75
C GLY A 315 -37.40 9.40 -21.83
N VAL A 316 -36.08 9.40 -21.70
CA VAL A 316 -35.33 8.17 -21.72
C VAL A 316 -34.87 7.89 -20.32
N ILE A 317 -35.12 6.67 -19.88
CA ILE A 317 -34.76 6.20 -18.57
C ILE A 317 -33.48 5.38 -18.62
N ARG A 318 -32.52 5.79 -17.81
CA ARG A 318 -31.26 5.10 -17.81
C ARG A 318 -31.40 3.60 -17.65
N LYS A 319 -32.19 3.19 -16.67
CA LYS A 319 -32.39 1.77 -16.41
C LYS A 319 -32.76 1.01 -17.64
N GLN A 320 -33.50 1.66 -18.54
CA GLN A 320 -33.88 0.96 -19.74
C GLN A 320 -32.75 0.77 -20.70
N LEU A 321 -31.89 1.81 -20.77
CA LEU A 321 -30.75 1.79 -21.67
C LEU A 321 -29.79 0.71 -21.25
N VAL A 322 -29.58 0.62 -19.94
CA VAL A 322 -28.68 -0.37 -19.42
C VAL A 322 -29.15 -1.77 -19.79
N GLU A 323 -30.42 -2.00 -19.51
CA GLU A 323 -31.04 -3.27 -19.85
C GLU A 323 -30.82 -3.56 -21.32
N ASN A 324 -30.99 -2.54 -22.16
CA ASN A 324 -30.81 -2.75 -23.56
C ASN A 324 -29.40 -3.10 -23.96
N LEU A 325 -28.47 -2.40 -23.34
CA LEU A 325 -27.08 -2.66 -23.66
C LEU A 325 -26.68 -4.07 -23.27
N ASN A 326 -27.15 -4.46 -22.11
CA ASN A 326 -26.85 -5.76 -21.58
C ASN A 326 -27.35 -6.94 -22.40
N SER A 327 -28.58 -6.82 -22.89
CA SER A 327 -29.12 -7.89 -23.68
C SER A 327 -28.44 -7.95 -25.02
N ALA A 328 -27.83 -6.82 -25.36
CA ALA A 328 -27.14 -6.70 -26.61
C ALA A 328 -25.72 -7.22 -26.52
N GLY A 329 -25.27 -7.54 -25.31
CA GLY A 329 -23.90 -8.02 -25.13
C GLY A 329 -22.86 -6.90 -25.02
N ILE A 330 -23.35 -5.74 -24.62
CA ILE A 330 -22.51 -4.60 -24.43
C ILE A 330 -22.42 -4.24 -22.95
N GLU A 331 -21.18 -4.32 -22.47
CA GLU A 331 -20.86 -3.95 -21.09
C GLU A 331 -20.91 -2.42 -20.91
N CYS A 332 -21.52 -2.01 -19.83
CA CYS A 332 -21.61 -0.59 -19.50
C CYS A 332 -21.43 -0.46 -17.99
N ARG A 333 -21.02 0.74 -17.59
CA ARG A 333 -20.61 1.08 -16.15
C ARG A 333 -21.25 2.51 -15.90
N PRO A 334 -21.37 2.89 -14.66
CA PRO A 334 -21.66 4.26 -14.36
C PRO A 334 -20.41 5.04 -14.69
N ILE A 335 -20.57 6.34 -14.74
CA ILE A 335 -19.41 7.16 -14.99
C ILE A 335 -18.64 7.23 -13.68
N VAL A 336 -17.57 6.47 -13.66
CA VAL A 336 -16.71 6.37 -12.51
C VAL A 336 -17.61 5.97 -11.34
N THR A 337 -17.67 6.79 -10.32
CA THR A 337 -18.45 6.53 -9.16
C THR A 337 -19.76 7.28 -9.18
N GLY A 338 -19.93 8.17 -10.16
CA GLY A 338 -21.11 9.03 -10.25
C GLY A 338 -20.91 10.14 -9.20
N ASN A 339 -21.97 10.63 -8.60
CA ASN A 339 -21.83 11.67 -7.59
C ASN A 339 -21.30 11.10 -6.28
N PHE A 340 -20.03 11.40 -5.97
CA PHE A 340 -19.41 10.90 -4.76
C PHE A 340 -20.14 11.32 -3.50
N LEU A 341 -20.81 12.47 -3.56
CA LEU A 341 -21.50 12.98 -2.39
C LEU A 341 -22.68 12.16 -1.94
N LYS A 342 -23.04 11.19 -2.77
CA LYS A 342 -24.13 10.33 -2.40
C LYS A 342 -23.68 9.30 -1.35
N ASN A 343 -22.37 9.17 -1.15
CA ASN A 343 -21.85 8.19 -0.20
C ASN A 343 -21.82 8.76 1.20
N THR A 344 -23.01 8.98 1.77
CA THR A 344 -23.20 9.58 3.09
C THR A 344 -22.51 8.89 4.25
N ASP A 345 -22.46 7.57 4.20
CA ASP A 345 -21.82 6.81 5.26
C ASP A 345 -20.34 7.10 5.37
N VAL A 346 -19.69 7.12 4.23
CA VAL A 346 -18.30 7.40 4.28
C VAL A 346 -17.99 8.86 4.57
N LEU A 347 -18.88 9.79 4.17
CA LEU A 347 -18.71 11.22 4.35
C LEU A 347 -18.68 11.69 5.78
N LYS A 348 -19.31 10.86 6.59
CA LYS A 348 -19.41 11.03 8.01
C LYS A 348 -18.03 11.25 8.64
N TYR A 349 -17.03 10.61 8.04
CA TYR A 349 -15.68 10.68 8.52
C TYR A 349 -14.94 11.90 8.06
N PHE A 350 -15.52 12.58 7.08
CA PHE A 350 -14.89 13.74 6.50
C PHE A 350 -15.27 15.05 7.14
N ASP A 351 -14.33 15.97 6.99
CA ASP A 351 -14.44 17.36 7.38
C ASP A 351 -14.59 18.07 6.07
N TYR A 352 -15.83 18.16 5.60
CA TYR A 352 -16.04 18.74 4.31
C TYR A 352 -17.16 19.74 4.23
N THR A 353 -17.18 20.36 3.06
CA THR A 353 -18.17 21.35 2.63
C THR A 353 -18.45 21.26 1.14
N VAL A 354 -19.64 21.69 0.76
CA VAL A 354 -20.03 21.67 -0.63
C VAL A 354 -20.18 23.10 -1.12
N HIS A 355 -19.49 23.45 -2.19
CA HIS A 355 -19.64 24.79 -2.70
C HIS A 355 -20.89 24.86 -3.56
N ASN A 356 -21.77 25.81 -3.21
CA ASN A 356 -23.01 26.08 -3.92
C ASN A 356 -23.89 24.84 -3.95
N ASN A 357 -23.82 24.08 -5.02
CA ASN A 357 -24.57 22.82 -5.17
C ASN A 357 -23.78 21.94 -6.13
N VAL A 358 -24.22 20.68 -6.25
CA VAL A 358 -23.65 19.70 -7.15
C VAL A 358 -24.69 19.16 -8.12
N ASP A 359 -25.44 20.12 -8.63
CA ASP A 359 -26.50 19.76 -9.53
C ASP A 359 -26.06 18.95 -10.72
N ASN A 360 -24.90 19.30 -11.28
CA ASN A 360 -24.46 18.55 -12.44
C ASN A 360 -24.10 17.13 -12.07
N ALA A 361 -23.37 16.99 -10.96
CA ALA A 361 -22.95 15.69 -10.47
C ALA A 361 -24.20 14.83 -10.23
N GLU A 362 -25.23 15.43 -9.62
CA GLU A 362 -26.45 14.68 -9.37
C GLU A 362 -27.14 14.23 -10.65
N TYR A 363 -27.12 15.07 -11.69
CA TYR A 363 -27.71 14.74 -12.97
C TYR A 363 -26.96 13.56 -13.59
N LEU A 364 -25.64 13.66 -13.63
CA LEU A 364 -24.79 12.63 -14.17
C LEU A 364 -25.00 11.33 -13.40
N ASP A 365 -25.18 11.46 -12.08
CA ASP A 365 -25.38 10.28 -11.24
C ASP A 365 -26.56 9.42 -11.64
N LYS A 366 -27.58 10.13 -12.05
CA LYS A 366 -28.78 9.47 -12.39
C LYS A 366 -28.93 9.25 -13.88
N ASN A 367 -28.27 10.07 -14.71
CA ASN A 367 -28.41 9.92 -16.15
C ASN A 367 -27.17 9.55 -16.93
N GLY A 368 -26.06 9.26 -16.28
CA GLY A 368 -24.87 8.94 -17.04
C GLY A 368 -24.52 7.44 -17.09
N LEU A 369 -23.77 7.10 -18.13
CA LEU A 369 -23.25 5.76 -18.35
C LEU A 369 -22.02 5.81 -19.22
N PHE A 370 -21.24 4.74 -19.20
CA PHE A 370 -19.99 4.64 -19.90
C PHE A 370 -19.79 3.24 -20.50
N VAL A 371 -19.21 3.20 -21.73
CA VAL A 371 -18.82 1.99 -22.46
C VAL A 371 -17.33 2.12 -22.73
N GLY A 372 -16.65 1.01 -22.97
CA GLY A 372 -15.21 1.07 -23.11
C GLY A 372 -14.64 1.55 -24.43
N ASN A 373 -13.35 1.93 -24.33
CA ASN A 373 -12.49 2.33 -25.44
C ASN A 373 -11.26 1.46 -25.21
N HIS A 374 -10.63 0.98 -26.28
CA HIS A 374 -9.50 0.09 -26.15
C HIS A 374 -8.44 0.46 -27.16
N GLN A 375 -7.26 -0.14 -26.99
CA GLN A 375 -6.11 0.08 -27.86
C GLN A 375 -6.16 -0.77 -29.14
N ILE A 376 -7.37 -1.22 -29.47
CA ILE A 376 -7.69 -2.05 -30.65
C ILE A 376 -8.83 -1.37 -31.40
N GLU A 377 -8.84 -1.39 -32.73
CA GLU A 377 -9.91 -0.71 -33.45
C GLU A 377 -11.27 -1.29 -33.09
N LEU A 378 -12.23 -0.41 -32.94
CA LEU A 378 -13.58 -0.79 -32.53
C LEU A 378 -14.62 -0.34 -33.54
N PHE A 379 -14.25 -0.22 -34.82
CA PHE A 379 -15.25 0.26 -35.74
C PHE A 379 -16.58 -0.49 -35.73
N ASP A 380 -16.50 -1.81 -35.86
CA ASP A 380 -17.71 -2.59 -35.90
C ASP A 380 -18.53 -2.48 -34.64
N GLU A 381 -17.83 -2.49 -33.51
CA GLU A 381 -18.40 -2.37 -32.17
C GLU A 381 -19.15 -1.06 -31.98
N ILE A 382 -18.59 0.02 -32.48
CA ILE A 382 -19.23 1.31 -32.38
C ILE A 382 -20.51 1.36 -33.25
N ASP A 383 -20.43 0.79 -34.44
CA ASP A 383 -21.57 0.69 -35.33
C ASP A 383 -22.70 -0.03 -34.65
N TYR A 384 -22.37 -1.13 -34.00
CA TYR A 384 -23.37 -1.91 -33.30
C TYR A 384 -23.97 -1.11 -32.15
N LEU A 385 -23.11 -0.44 -31.44
CA LEU A 385 -23.55 0.37 -30.33
C LEU A 385 -24.59 1.40 -30.78
N ARG A 386 -24.33 2.03 -31.91
CA ARG A 386 -25.19 3.04 -32.46
C ARG A 386 -26.53 2.45 -32.89
N GLU A 387 -26.47 1.19 -33.32
CA GLU A 387 -27.67 0.49 -33.75
C GLU A 387 -28.55 0.16 -32.55
N VAL A 388 -27.89 -0.19 -31.45
CA VAL A 388 -28.60 -0.53 -30.23
C VAL A 388 -29.23 0.69 -29.60
N LEU A 389 -28.51 1.81 -29.67
CA LEU A 389 -28.93 3.06 -29.07
C LEU A 389 -29.67 3.93 -30.07
N LYS A 390 -30.58 3.29 -30.78
CA LYS A 390 -31.40 3.95 -31.78
C LYS A 390 -32.42 4.82 -31.06
N HIS B 2 33.27 -6.41 1.21
CA HIS B 2 33.60 -7.77 1.61
C HIS B 2 32.75 -8.82 0.93
N MET B 3 33.42 -9.91 0.60
CA MET B 3 32.77 -11.04 -0.02
C MET B 3 32.05 -11.84 1.09
N ILE B 4 30.76 -12.10 0.85
CA ILE B 4 29.84 -12.77 1.77
C ILE B 4 29.52 -14.24 1.48
N ASN B 5 29.88 -15.12 2.40
CA ASN B 5 29.62 -16.53 2.24
C ASN B 5 28.53 -17.08 3.16
N TYR B 6 28.23 -16.34 4.25
CA TYR B 6 27.19 -16.68 5.24
C TYR B 6 26.29 -15.44 5.25
N PRO B 7 25.29 -15.46 4.38
CA PRO B 7 24.34 -14.35 4.22
C PRO B 7 23.18 -14.40 5.20
N LEU B 8 22.55 -13.24 5.37
CA LEU B 8 21.40 -13.15 6.25
C LEU B 8 20.20 -13.88 5.66
N ALA B 9 20.02 -13.65 4.36
CA ALA B 9 18.92 -14.18 3.59
C ALA B 9 19.25 -15.25 2.54
N SER B 10 18.17 -15.94 2.13
CA SER B 10 18.22 -16.97 1.12
C SER B 10 16.82 -17.26 0.56
N SER B 11 16.79 -18.02 -0.54
CA SER B 11 15.57 -18.41 -1.23
C SER B 11 14.93 -19.63 -0.60
N THR B 12 13.59 -19.55 -0.50
CA THR B 12 12.77 -20.60 0.07
C THR B 12 12.04 -21.30 -1.05
N TRP B 13 12.28 -20.85 -2.27
CA TRP B 13 11.56 -21.44 -3.36
C TRP B 13 12.29 -22.53 -4.06
N ASP B 14 11.45 -23.35 -4.67
CA ASP B 14 11.82 -24.43 -5.55
C ASP B 14 10.95 -24.46 -6.80
N ASP B 15 11.03 -25.52 -7.56
CA ASP B 15 10.28 -25.56 -8.78
C ASP B 15 8.78 -25.39 -8.60
N LEU B 16 8.30 -25.77 -7.42
CA LEU B 16 6.90 -25.69 -7.14
C LEU B 16 6.34 -24.28 -7.23
N GLU B 17 7.11 -23.34 -6.70
CA GLU B 17 6.68 -21.95 -6.74
C GLU B 17 6.75 -21.40 -8.15
N TYR B 18 7.78 -21.81 -8.91
CA TYR B 18 7.87 -21.35 -10.27
C TYR B 18 6.72 -21.94 -11.07
N LYS B 19 6.32 -23.16 -10.72
CA LYS B 19 5.19 -23.75 -11.43
C LYS B 19 3.94 -22.97 -11.07
N ALA B 20 3.84 -22.57 -9.81
CA ALA B 20 2.69 -21.79 -9.38
C ALA B 20 2.61 -20.44 -10.12
N ILE B 21 3.73 -19.76 -10.37
CA ILE B 21 3.68 -18.50 -11.13
C ILE B 21 3.14 -18.77 -12.55
N GLN B 22 3.61 -19.87 -13.15
CA GLN B 22 3.21 -20.28 -14.49
C GLN B 22 1.72 -20.47 -14.61
N SER B 23 1.14 -21.10 -13.62
CA SER B 23 -0.28 -21.31 -13.65
C SER B 23 -0.98 -19.98 -13.68
N VAL B 24 -0.44 -19.02 -12.92
CA VAL B 24 -1.08 -17.73 -12.89
C VAL B 24 -0.99 -17.11 -14.27
N LEU B 25 0.19 -17.16 -14.84
CA LEU B 25 0.39 -16.63 -16.18
C LEU B 25 -0.54 -17.25 -17.20
N ASP B 26 -0.71 -18.56 -17.08
CA ASP B 26 -1.57 -19.27 -18.00
C ASP B 26 -3.02 -18.87 -17.83
N SER B 27 -3.38 -18.51 -16.60
CA SER B 27 -4.74 -18.09 -16.28
C SER B 27 -5.08 -16.72 -16.85
N LYS B 28 -4.04 -15.91 -17.01
CA LYS B 28 -4.16 -14.55 -17.51
C LYS B 28 -5.04 -13.65 -16.65
N MET B 29 -5.15 -14.06 -15.39
CA MET B 29 -5.89 -13.33 -14.36
C MET B 29 -4.88 -12.95 -13.30
N PHE B 30 -4.46 -11.69 -13.27
CA PHE B 30 -3.42 -11.24 -12.36
C PHE B 30 -3.88 -10.46 -11.13
N THR B 31 -5.12 -10.07 -11.18
CA THR B 31 -5.68 -9.32 -10.10
C THR B 31 -6.14 -10.26 -8.96
N MET B 32 -5.98 -9.77 -7.73
CA MET B 32 -6.39 -10.48 -6.54
C MET B 32 -7.65 -11.32 -6.79
N GLY B 33 -7.56 -12.65 -6.68
CA GLY B 33 -8.71 -13.49 -6.94
C GLY B 33 -8.71 -14.84 -6.20
N GLU B 34 -8.88 -15.92 -7.01
CA GLU B 34 -8.98 -17.31 -6.58
C GLU B 34 -7.84 -17.81 -5.68
N TYR B 35 -6.60 -17.63 -6.11
CA TYR B 35 -5.46 -18.07 -5.34
C TYR B 35 -5.32 -17.34 -4.02
N VAL B 36 -5.59 -16.04 -4.05
CA VAL B 36 -5.50 -15.23 -2.86
C VAL B 36 -6.51 -15.79 -1.88
N LYS B 37 -7.72 -15.99 -2.37
CA LYS B 37 -8.73 -16.52 -1.48
C LYS B 37 -8.37 -17.89 -0.88
N GLN B 38 -7.87 -18.78 -1.74
CA GLN B 38 -7.51 -20.08 -1.26
C GLN B 38 -6.39 -19.93 -0.28
N TYR B 39 -5.47 -19.00 -0.55
CA TYR B 39 -4.33 -18.82 0.35
C TYR B 39 -4.76 -18.38 1.74
N GLU B 40 -5.73 -17.47 1.73
CA GLU B 40 -6.28 -16.94 2.97
C GLU B 40 -6.93 -18.06 3.80
N THR B 41 -7.66 -18.90 3.10
CA THR B 41 -8.29 -20.02 3.77
C THR B 41 -7.28 -20.99 4.38
N GLN B 42 -6.22 -21.36 3.65
CA GLN B 42 -5.18 -22.24 4.20
C GLN B 42 -4.41 -21.56 5.33
N PHE B 43 -4.24 -20.22 5.17
CA PHE B 43 -3.54 -19.43 6.15
C PHE B 43 -4.21 -19.51 7.50
N ALA B 44 -5.50 -19.18 7.51
CA ALA B 44 -6.25 -19.20 8.75
C ALA B 44 -6.20 -20.61 9.35
N LYS B 45 -6.33 -21.63 8.51
CA LYS B 45 -6.30 -22.99 8.98
C LYS B 45 -4.94 -23.38 9.56
N THR B 46 -3.88 -23.01 8.89
CA THR B 46 -2.56 -23.34 9.39
C THR B 46 -2.29 -22.80 10.81
N PHE B 47 -2.67 -21.57 11.02
CA PHE B 47 -2.43 -20.92 12.28
C PHE B 47 -3.48 -21.06 13.36
N GLY B 48 -4.67 -21.48 12.98
CA GLY B 48 -5.68 -21.66 14.00
C GLY B 48 -6.52 -20.46 14.30
N SER B 49 -6.74 -19.64 13.26
CA SER B 49 -7.57 -18.47 13.38
C SER B 49 -8.79 -18.64 12.47
N LYS B 50 -9.87 -17.93 12.75
CA LYS B 50 -11.06 -18.05 11.96
C LYS B 50 -10.93 -17.38 10.62
N TYR B 51 -10.33 -16.21 10.61
CA TYR B 51 -10.20 -15.48 9.36
C TYR B 51 -8.78 -14.99 9.10
N ALA B 52 -8.50 -14.75 7.82
CA ALA B 52 -7.21 -14.21 7.36
C ALA B 52 -7.45 -13.32 6.15
N VAL B 53 -6.72 -12.23 6.08
CA VAL B 53 -6.86 -11.31 4.98
C VAL B 53 -5.47 -11.06 4.48
N MET B 54 -5.19 -11.39 3.24
CA MET B 54 -3.86 -11.13 2.66
C MET B 54 -3.74 -9.67 2.14
N VAL B 55 -2.61 -9.00 2.41
CA VAL B 55 -2.36 -7.63 1.96
C VAL B 55 -1.01 -7.52 1.24
N SER B 56 -0.68 -6.35 0.71
CA SER B 56 0.53 -6.13 -0.05
C SER B 56 1.86 -6.31 0.68
N SER B 57 1.85 -6.13 1.99
CA SER B 57 3.08 -6.26 2.77
C SER B 57 2.73 -6.35 4.24
N GLY B 58 3.72 -6.69 5.04
CA GLY B 58 3.50 -6.76 6.45
C GLY B 58 3.22 -5.35 6.97
N SER B 59 3.82 -4.38 6.31
CA SER B 59 3.66 -2.99 6.68
C SER B 59 2.22 -2.56 6.43
N THR B 60 1.67 -2.92 5.30
CA THR B 60 0.28 -2.57 5.09
C THR B 60 -0.65 -3.39 6.00
N ALA B 61 -0.21 -4.58 6.43
CA ALA B 61 -1.00 -5.39 7.37
C ALA B 61 -1.10 -4.60 8.69
N ASN B 62 0.00 -4.02 9.14
CA ASN B 62 -0.01 -3.23 10.34
C ASN B 62 -0.92 -2.01 10.20
N LEU B 63 -0.88 -1.40 9.02
CA LEU B 63 -1.68 -0.22 8.73
C LEU B 63 -3.18 -0.53 8.88
N LEU B 64 -3.64 -1.60 8.22
CA LEU B 64 -5.03 -1.98 8.25
C LEU B 64 -5.47 -2.43 9.63
N MET B 65 -4.57 -3.13 10.31
CA MET B 65 -4.81 -3.57 11.68
C MET B 65 -5.24 -2.40 12.57
N ILE B 66 -4.47 -1.30 12.58
CA ILE B 66 -4.77 -0.11 13.38
C ILE B 66 -6.02 0.63 12.93
N ALA B 67 -6.10 0.85 11.63
CA ALA B 67 -7.23 1.55 11.03
C ALA B 67 -8.55 0.88 11.32
N ALA B 68 -8.55 -0.43 11.25
CA ALA B 68 -9.75 -1.19 11.48
C ALA B 68 -10.49 -0.83 12.77
N LEU B 69 -9.71 -0.57 13.80
CA LEU B 69 -10.24 -0.26 15.11
C LEU B 69 -11.02 1.03 15.19
N PHE B 70 -10.81 1.86 14.20
CA PHE B 70 -11.52 3.10 14.22
C PHE B 70 -12.88 2.98 13.58
N PHE B 71 -13.07 1.89 12.84
CA PHE B 71 -14.30 1.70 12.07
C PHE B 71 -15.35 0.72 12.59
N THR B 72 -15.19 0.19 13.79
CA THR B 72 -16.19 -0.72 14.30
C THR B 72 -17.44 0.08 14.66
N LYS B 73 -18.62 -0.56 14.54
CA LYS B 73 -19.87 0.10 14.85
C LYS B 73 -19.68 0.86 16.14
N LYS B 74 -19.05 0.21 17.09
CA LYS B 74 -18.73 0.95 18.28
C LYS B 74 -17.19 0.99 18.26
N PRO B 75 -16.65 2.09 17.78
CA PRO B 75 -15.22 2.25 17.64
C PRO B 75 -14.46 1.81 18.84
N ARG B 76 -13.47 1.01 18.54
CA ARG B 76 -12.65 0.49 19.59
C ARG B 76 -11.52 1.42 19.96
N LEU B 77 -11.19 2.30 19.03
CA LEU B 77 -10.15 3.29 19.28
C LEU B 77 -10.61 4.66 18.82
N LYS B 78 -10.00 5.67 19.46
CA LYS B 78 -10.24 7.08 19.23
C LYS B 78 -8.92 7.81 19.18
N LYS B 79 -8.96 8.91 18.48
CA LYS B 79 -7.78 9.71 18.40
C LYS B 79 -7.35 10.09 19.82
N GLY B 80 -6.04 10.05 20.09
CA GLY B 80 -5.55 10.43 21.42
C GLY B 80 -5.46 9.27 22.41
N ASP B 81 -6.04 8.11 22.08
CA ASP B 81 -5.98 6.95 22.96
C ASP B 81 -4.57 6.45 23.16
N GLU B 82 -4.33 5.93 24.35
CA GLU B 82 -3.02 5.41 24.68
C GLU B 82 -2.81 3.94 24.31
N ILE B 83 -1.69 3.77 23.61
CA ILE B 83 -1.22 2.48 23.15
C ILE B 83 0.20 2.24 23.58
N ILE B 84 0.42 1.06 24.15
CA ILE B 84 1.76 0.76 24.58
C ILE B 84 2.47 -0.10 23.55
N VAL B 85 3.73 0.21 23.34
CA VAL B 85 4.59 -0.51 22.42
C VAL B 85 6.00 -0.70 23.00
N PRO B 86 6.77 -1.67 22.49
CA PRO B 86 8.14 -1.89 22.93
C PRO B 86 9.04 -0.90 22.21
N ALA B 87 10.23 -0.62 22.74
CA ALA B 87 11.14 0.35 22.12
C ALA B 87 11.96 -0.19 20.92
N VAL B 88 11.87 -1.50 20.68
CA VAL B 88 12.61 -2.13 19.61
C VAL B 88 11.66 -2.93 18.72
N SER B 89 11.63 -2.51 17.46
CA SER B 89 10.80 -3.13 16.44
C SER B 89 11.07 -2.49 15.09
N TRP B 90 10.30 -2.88 14.08
CA TRP B 90 10.49 -2.28 12.78
C TRP B 90 9.73 -0.95 12.72
N SER B 91 10.18 -0.02 11.89
CA SER B 91 9.54 1.28 11.80
C SER B 91 8.05 1.27 11.52
N THR B 92 7.58 0.34 10.69
CA THR B 92 6.16 0.26 10.31
C THR B 92 5.26 -0.33 11.36
N THR B 93 5.88 -0.59 12.51
CA THR B 93 5.14 -1.07 13.65
C THR B 93 4.55 0.20 14.27
N TYR B 94 5.36 1.27 14.24
CA TYR B 94 5.01 2.54 14.84
C TYR B 94 4.30 3.58 13.98
N TYR B 95 4.67 3.70 12.70
CA TYR B 95 4.07 4.72 11.87
C TYR B 95 2.54 4.81 11.88
N PRO B 96 1.85 3.67 11.75
CA PRO B 96 0.38 3.70 11.71
C PRO B 96 -0.25 4.32 12.97
N LEU B 97 0.45 4.22 14.11
CA LEU B 97 -0.02 4.78 15.36
C LEU B 97 -0.01 6.30 15.23
N GLN B 98 1.04 6.80 14.60
CA GLN B 98 1.17 8.21 14.37
C GLN B 98 0.14 8.66 13.34
N GLN B 99 0.00 7.87 12.28
CA GLN B 99 -0.92 8.17 11.19
C GLN B 99 -2.37 8.24 11.65
N TYR B 100 -2.71 7.56 12.75
CA TYR B 100 -4.07 7.54 13.30
C TYR B 100 -4.29 8.40 14.54
N GLY B 101 -3.27 9.20 14.83
CA GLY B 101 -3.32 10.12 15.96
C GLY B 101 -3.46 9.45 17.33
N LEU B 102 -2.74 8.36 17.52
CA LEU B 102 -2.77 7.68 18.80
C LEU B 102 -1.67 8.24 19.66
N ARG B 103 -1.83 8.07 20.96
CA ARG B 103 -0.85 8.52 21.89
C ARG B 103 0.00 7.31 22.16
N VAL B 104 1.30 7.43 21.90
CA VAL B 104 2.17 6.30 22.05
C VAL B 104 3.01 6.30 23.31
N LYS B 105 2.95 5.19 24.06
CA LYS B 105 3.72 4.97 25.27
C LYS B 105 4.73 3.83 25.08
N PHE B 106 6.00 4.24 25.04
CA PHE B 106 7.10 3.33 24.84
C PHE B 106 7.54 2.67 26.13
N VAL B 107 7.76 1.35 26.04
CA VAL B 107 8.21 0.50 27.15
C VAL B 107 9.50 -0.23 26.77
N ASP B 108 10.45 -0.26 27.70
CA ASP B 108 11.74 -0.91 27.49
C ASP B 108 11.58 -2.39 27.22
N ILE B 109 12.65 -2.95 26.67
CA ILE B 109 12.61 -4.37 26.40
C ILE B 109 13.36 -5.14 27.50
N ASP B 110 13.18 -6.44 27.49
CA ASP B 110 13.87 -7.35 28.38
C ASP B 110 15.12 -7.75 27.60
N ILE B 111 16.26 -7.51 28.20
CA ILE B 111 17.52 -7.76 27.53
C ILE B 111 17.79 -9.20 27.17
N ASN B 112 17.15 -10.13 27.85
CA ASN B 112 17.35 -11.54 27.57
C ASN B 112 16.44 -12.02 26.48
N THR B 113 15.14 -11.72 26.60
CA THR B 113 14.20 -12.14 25.58
C THR B 113 14.13 -11.20 24.36
N LEU B 114 14.53 -9.94 24.52
CA LEU B 114 14.47 -8.96 23.44
C LEU B 114 13.05 -8.48 23.25
N ASN B 115 12.15 -9.07 24.02
CA ASN B 115 10.73 -8.71 23.99
C ASN B 115 10.44 -7.66 25.08
N ILE B 116 9.23 -7.10 25.03
CA ILE B 116 8.86 -6.08 26.00
C ILE B 116 9.12 -6.57 27.41
N ASP B 117 9.64 -5.65 28.22
CA ASP B 117 9.94 -6.00 29.58
C ASP B 117 8.68 -6.10 30.42
N ILE B 118 8.41 -7.31 30.90
CA ILE B 118 7.22 -7.63 31.67
C ILE B 118 7.09 -6.84 32.99
N GLU B 119 8.19 -6.67 33.70
CA GLU B 119 8.13 -5.93 34.92
C GLU B 119 7.74 -4.48 34.66
N SER B 120 8.32 -3.90 33.58
CA SER B 120 8.05 -2.52 33.17
C SER B 120 6.62 -2.32 32.71
N LEU B 121 6.16 -3.30 31.94
CA LEU B 121 4.83 -3.30 31.41
C LEU B 121 3.80 -3.25 32.55
N LYS B 122 4.12 -4.02 33.57
CA LYS B 122 3.27 -4.08 34.75
C LYS B 122 2.93 -2.69 35.25
N GLU B 123 3.98 -1.87 35.32
CA GLU B 123 3.85 -0.51 35.81
C GLU B 123 3.30 0.47 34.82
N ALA B 124 3.63 0.26 33.54
CA ALA B 124 3.20 1.15 32.47
C ALA B 124 1.68 1.17 32.20
N VAL B 125 1.04 0.02 32.41
CA VAL B 125 -0.40 -0.09 32.18
C VAL B 125 -1.19 0.64 33.26
N THR B 126 -1.99 1.60 32.83
CA THR B 126 -2.85 2.36 33.72
C THR B 126 -4.29 2.35 33.23
N ASP B 127 -5.16 3.13 33.86
CA ASP B 127 -6.56 3.21 33.46
C ASP B 127 -6.72 3.83 32.08
N SER B 128 -5.69 4.55 31.64
CA SER B 128 -5.71 5.20 30.35
C SER B 128 -5.24 4.32 29.19
N THR B 129 -4.60 3.18 29.50
CA THR B 129 -4.12 2.29 28.46
C THR B 129 -5.28 1.72 27.69
N LYS B 130 -5.26 1.93 26.37
CA LYS B 130 -6.35 1.44 25.56
C LYS B 130 -5.99 0.19 24.79
N ALA B 131 -4.72 0.06 24.52
CA ALA B 131 -4.28 -1.12 23.80
C ALA B 131 -2.83 -1.38 24.07
N ILE B 132 -2.46 -2.60 23.79
CA ILE B 132 -1.08 -3.00 23.94
C ILE B 132 -0.69 -3.62 22.63
N LEU B 133 0.31 -3.07 22.00
CA LEU B 133 0.76 -3.62 20.75
C LEU B 133 2.09 -4.32 20.96
N THR B 134 2.00 -5.67 21.07
CA THR B 134 3.15 -6.58 21.27
C THR B 134 3.82 -6.94 19.95
N VAL B 135 5.11 -7.25 20.02
CA VAL B 135 5.90 -7.60 18.86
C VAL B 135 6.67 -8.82 19.22
N ASN B 136 6.51 -9.88 18.44
CA ASN B 136 7.26 -11.10 18.72
C ASN B 136 8.60 -10.98 17.99
N LEU B 137 9.63 -10.61 18.73
CA LEU B 137 10.90 -10.38 18.10
C LEU B 137 11.77 -11.55 17.71
N LEU B 138 12.24 -11.55 16.45
CA LEU B 138 13.17 -12.53 15.91
C LEU B 138 12.75 -13.97 16.00
N GLY B 139 11.45 -14.19 16.04
CA GLY B 139 10.94 -15.56 16.12
C GLY B 139 10.46 -15.92 17.52
N ASN B 140 10.85 -15.12 18.52
CA ASN B 140 10.54 -15.37 19.94
C ASN B 140 9.20 -14.76 20.38
N PRO B 141 8.30 -15.63 20.84
CA PRO B 141 6.99 -15.15 21.26
C PRO B 141 7.09 -14.53 22.63
N ASN B 142 6.13 -13.63 22.86
CA ASN B 142 5.98 -12.96 24.14
C ASN B 142 5.31 -13.95 25.10
N ASN B 143 5.54 -13.75 26.39
CA ASN B 143 4.88 -14.58 27.37
C ASN B 143 3.45 -14.04 27.55
N PHE B 144 2.53 -14.59 26.78
CA PHE B 144 1.19 -14.10 26.79
C PHE B 144 0.44 -14.30 28.09
N ASP B 145 0.84 -15.35 28.83
CA ASP B 145 0.21 -15.65 30.11
C ASP B 145 0.40 -14.50 31.09
N GLU B 146 1.63 -13.99 31.13
CA GLU B 146 1.95 -12.87 31.99
C GLU B 146 1.25 -11.65 31.45
N ILE B 147 1.27 -11.51 30.14
CA ILE B 147 0.63 -10.34 29.58
C ILE B 147 -0.81 -10.33 29.99
N ASN B 148 -1.42 -11.49 29.90
CA ASN B 148 -2.81 -11.62 30.25
C ASN B 148 -3.07 -11.36 31.74
N LYS B 149 -2.09 -11.71 32.55
CA LYS B 149 -2.24 -11.49 33.97
C LYS B 149 -2.29 -9.99 34.26
N ILE B 150 -1.58 -9.23 33.44
CA ILE B 150 -1.53 -7.79 33.60
C ILE B 150 -2.87 -7.18 33.25
N ILE B 151 -3.38 -7.54 32.08
CA ILE B 151 -4.66 -7.02 31.64
C ILE B 151 -5.71 -7.35 32.68
N GLY B 152 -5.62 -8.57 33.23
CA GLY B 152 -6.55 -9.02 34.27
C GLY B 152 -8.03 -8.93 33.91
N GLY B 153 -8.36 -9.21 32.66
CA GLY B 153 -9.75 -9.20 32.21
C GLY B 153 -10.32 -7.84 31.82
N ARG B 154 -9.53 -6.80 31.97
CA ARG B 154 -10.03 -5.50 31.60
C ARG B 154 -10.19 -5.36 30.10
N ASP B 155 -10.76 -4.23 29.70
CA ASP B 155 -11.00 -3.96 28.30
C ASP B 155 -9.83 -3.29 27.62
N ILE B 156 -8.74 -4.00 27.53
CA ILE B 156 -7.55 -3.49 26.90
C ILE B 156 -7.28 -4.37 25.72
N ILE B 157 -7.28 -3.79 24.52
CA ILE B 157 -6.98 -4.56 23.34
C ILE B 157 -5.52 -4.99 23.25
N LEU B 158 -5.38 -6.26 22.89
CA LEU B 158 -4.09 -6.84 22.68
C LEU B 158 -3.94 -7.07 21.20
N LEU B 159 -2.82 -6.59 20.68
CA LEU B 159 -2.49 -6.72 19.28
C LEU B 159 -1.09 -7.30 19.16
N GLU B 160 -0.85 -7.96 18.04
CA GLU B 160 0.45 -8.54 17.77
C GLU B 160 0.97 -8.24 16.38
N ASP B 161 2.24 -7.81 16.32
CA ASP B 161 2.96 -7.67 15.05
C ASP B 161 3.78 -8.96 15.02
N ASN B 162 3.35 -9.94 14.21
CA ASN B 162 4.00 -11.21 14.14
C ASN B 162 4.82 -11.35 12.89
N CYS B 163 5.24 -10.20 12.33
CA CYS B 163 6.01 -10.16 11.10
C CYS B 163 7.34 -10.91 11.08
N GLU B 164 7.95 -11.16 12.27
CA GLU B 164 9.23 -11.86 12.34
C GLU B 164 9.15 -13.23 12.97
N SER B 165 7.95 -13.59 13.50
CA SER B 165 7.79 -14.85 14.19
C SER B 165 6.76 -15.81 13.66
N MET B 166 6.57 -15.85 12.34
CA MET B 166 5.62 -16.81 11.79
C MET B 166 6.05 -18.20 12.25
N GLY B 167 5.10 -19.01 12.72
CA GLY B 167 5.41 -20.37 13.18
C GLY B 167 5.80 -20.52 14.64
N ALA B 168 6.05 -19.42 15.37
CA ALA B 168 6.38 -19.54 16.78
C ALA B 168 5.14 -19.96 17.58
N THR B 169 5.35 -20.63 18.69
CA THR B 169 4.20 -21.02 19.48
C THR B 169 4.49 -20.78 20.94
N PHE B 170 3.40 -20.67 21.66
CA PHE B 170 3.48 -20.47 23.07
C PHE B 170 2.30 -21.21 23.68
N ASN B 171 2.55 -22.15 24.60
CA ASN B 171 1.46 -22.89 25.17
C ASN B 171 0.72 -23.62 24.09
N ASN B 172 1.49 -24.07 23.12
CA ASN B 172 0.87 -24.78 22.05
C ASN B 172 -0.07 -23.95 21.16
N LYS B 173 -0.11 -22.64 21.36
CA LYS B 173 -0.96 -21.81 20.52
C LYS B 173 -0.05 -21.01 19.60
N CYS B 174 -0.50 -20.73 18.38
CA CYS B 174 0.35 -20.00 17.45
C CYS B 174 0.46 -18.51 17.72
N ALA B 175 1.70 -18.01 17.70
CA ALA B 175 1.93 -16.58 17.82
C ALA B 175 1.14 -15.90 16.69
N GLY B 176 0.58 -14.70 16.94
CA GLY B 176 -0.23 -14.00 15.94
C GLY B 176 -1.73 -14.19 16.20
N THR B 177 -2.07 -15.26 16.95
CA THR B 177 -3.45 -15.64 17.28
C THR B 177 -3.88 -15.29 18.68
N PHE B 178 -2.98 -14.66 19.41
CA PHE B 178 -3.28 -14.28 20.77
C PHE B 178 -4.09 -13.00 20.83
N GLY B 179 -3.68 -12.03 19.98
CA GLY B 179 -4.31 -10.73 19.94
C GLY B 179 -5.64 -10.70 19.21
N LEU B 180 -6.33 -9.55 19.32
CA LEU B 180 -7.57 -9.36 18.61
C LEU B 180 -7.29 -9.58 17.13
N MET B 181 -6.10 -9.11 16.75
CA MET B 181 -5.55 -9.26 15.40
C MET B 181 -4.07 -9.52 15.54
N GLY B 182 -3.54 -10.20 14.53
CA GLY B 182 -2.14 -10.52 14.43
C GLY B 182 -1.66 -10.28 12.99
N THR B 183 -0.48 -9.72 12.83
CA THR B 183 0.02 -9.49 11.49
C THR B 183 1.25 -10.33 11.19
N PHE B 184 1.35 -10.68 9.91
CA PHE B 184 2.46 -11.46 9.38
C PHE B 184 3.07 -10.81 8.15
N SER B 185 4.32 -11.20 7.84
CA SER B 185 4.99 -10.68 6.66
C SER B 185 5.54 -11.82 5.80
N SER B 186 5.33 -11.72 4.46
CA SER B 186 5.86 -12.69 3.52
C SER B 186 6.87 -12.05 2.58
N PHE B 187 7.53 -11.04 3.07
CA PHE B 187 8.52 -10.43 2.26
C PHE B 187 9.69 -11.41 2.07
N TYR B 188 10.55 -11.10 1.08
CA TYR B 188 11.73 -11.90 0.82
C TYR B 188 12.44 -12.25 2.13
N SER B 189 12.83 -13.52 2.20
CA SER B 189 13.55 -14.05 3.34
C SER B 189 12.90 -14.01 4.71
N HIS B 190 11.61 -14.15 4.76
CA HIS B 190 10.91 -14.24 6.01
C HIS B 190 10.69 -15.73 6.10
N HIS B 191 9.95 -16.22 7.08
CA HIS B 191 9.71 -17.64 7.16
C HIS B 191 9.17 -18.21 5.85
N ILE B 192 8.39 -17.41 5.16
CA ILE B 192 7.89 -17.73 3.81
C ILE B 192 8.07 -16.47 2.99
N ALA B 193 8.03 -16.62 1.68
CA ALA B 193 8.22 -15.46 0.86
C ALA B 193 7.36 -15.50 -0.39
N THR B 194 6.64 -14.41 -0.62
CA THR B 194 5.76 -14.27 -1.77
C THR B 194 6.16 -13.04 -2.59
N MET B 195 7.46 -12.68 -2.54
CA MET B 195 8.04 -11.51 -3.20
C MET B 195 7.82 -10.38 -2.19
N GLU B 196 6.57 -9.93 -2.08
CA GLU B 196 6.12 -8.97 -1.09
C GLU B 196 4.81 -9.57 -0.56
N GLY B 197 4.42 -9.24 0.64
CA GLY B 197 3.17 -9.79 1.07
C GLY B 197 3.03 -9.72 2.58
N GLY B 198 1.78 -9.70 3.03
CA GLY B 198 1.50 -9.66 4.44
C GLY B 198 0.12 -10.26 4.69
N CYS B 199 -0.22 -10.50 5.95
CA CYS B 199 -1.50 -11.07 6.29
C CYS B 199 -1.93 -10.56 7.65
N ILE B 200 -3.23 -10.50 7.83
CA ILE B 200 -3.88 -10.13 9.06
C ILE B 200 -4.82 -11.29 9.42
N VAL B 201 -4.67 -11.81 10.64
CA VAL B 201 -5.55 -12.86 11.12
C VAL B 201 -6.44 -12.30 12.23
N THR B 202 -7.63 -12.87 12.39
CA THR B 202 -8.55 -12.45 13.43
C THR B 202 -9.65 -13.50 13.58
N ASP B 203 -10.32 -13.46 14.73
CA ASP B 203 -11.43 -14.36 14.98
C ASP B 203 -12.76 -13.57 15.02
N ASP B 204 -12.64 -12.26 14.89
CA ASP B 204 -13.76 -11.35 14.94
C ASP B 204 -14.30 -11.09 13.54
N GLU B 205 -15.57 -11.40 13.35
CA GLU B 205 -16.21 -11.24 12.07
C GLU B 205 -16.41 -9.81 11.60
N GLU B 206 -16.75 -8.92 12.52
CA GLU B 206 -16.93 -7.54 12.13
C GLU B 206 -15.60 -7.00 11.61
N ILE B 207 -14.54 -7.24 12.40
CA ILE B 207 -13.21 -6.81 12.01
C ILE B 207 -12.84 -7.41 10.65
N TYR B 208 -13.11 -8.70 10.46
CA TYR B 208 -12.83 -9.32 9.20
C TYR B 208 -13.54 -8.60 8.06
N HIS B 209 -14.81 -8.26 8.24
CA HIS B 209 -15.52 -7.58 7.18
C HIS B 209 -14.96 -6.19 6.94
N ILE B 210 -14.60 -5.51 8.01
CA ILE B 210 -14.04 -4.17 7.86
C ILE B 210 -12.75 -4.23 7.01
N LEU B 211 -11.90 -5.23 7.30
CA LEU B 211 -10.63 -5.44 6.58
C LEU B 211 -10.85 -5.67 5.11
N LEU B 212 -11.82 -6.52 4.79
CA LEU B 212 -12.11 -6.82 3.39
C LEU B 212 -12.49 -5.55 2.63
N CYS B 213 -13.11 -4.63 3.34
CA CYS B 213 -13.58 -3.38 2.78
C CYS B 213 -12.44 -2.38 2.62
N ILE B 214 -11.67 -2.17 3.69
CA ILE B 214 -10.58 -1.21 3.69
C ILE B 214 -9.35 -1.57 2.87
N ARG B 215 -9.21 -2.86 2.55
CA ARG B 215 -8.12 -3.33 1.72
C ARG B 215 -8.29 -2.85 0.27
N ALA B 216 -9.54 -2.71 -0.15
CA ALA B 216 -9.73 -2.33 -1.52
C ALA B 216 -10.79 -1.29 -1.76
N HIS B 217 -10.34 -0.03 -1.80
CA HIS B 217 -11.16 1.13 -2.12
C HIS B 217 -12.27 1.52 -1.17
N GLY B 218 -12.51 0.77 -0.10
CA GLY B 218 -13.60 1.12 0.79
C GLY B 218 -14.96 0.72 0.20
N TRP B 219 -14.94 -0.17 -0.81
CA TRP B 219 -16.15 -0.62 -1.48
C TRP B 219 -16.78 -1.85 -0.82
N THR B 220 -17.84 -2.31 -1.42
CA THR B 220 -18.55 -3.47 -0.89
C THR B 220 -18.42 -4.72 -1.73
N ARG B 221 -17.66 -4.65 -2.81
CA ARG B 221 -17.48 -5.78 -3.71
C ARG B 221 -16.97 -7.08 -3.10
N ASN B 222 -16.14 -6.98 -2.08
CA ASN B 222 -15.62 -8.19 -1.51
C ASN B 222 -16.38 -8.61 -0.28
N LEU B 223 -17.47 -7.89 0.04
CA LEU B 223 -18.27 -8.22 1.20
C LEU B 223 -19.39 -9.20 0.79
N PRO B 224 -19.78 -10.08 1.72
CA PRO B 224 -20.85 -11.05 1.46
C PRO B 224 -22.17 -10.30 1.48
N LYS B 225 -23.21 -10.87 0.88
CA LYS B 225 -24.49 -10.18 0.86
C LYS B 225 -24.90 -9.66 2.23
N LYS B 226 -24.70 -10.49 3.23
CA LYS B 226 -25.00 -10.11 4.59
C LYS B 226 -23.66 -9.91 5.24
N ASN B 227 -23.38 -8.71 5.65
CA ASN B 227 -22.09 -8.51 6.25
C ASN B 227 -22.25 -7.57 7.41
N LYS B 228 -21.18 -7.41 8.16
CA LYS B 228 -21.24 -6.60 9.35
C LYS B 228 -20.99 -5.14 9.10
N VAL B 229 -20.80 -4.76 7.84
CA VAL B 229 -20.51 -3.37 7.57
C VAL B 229 -21.74 -2.60 7.09
N THR B 230 -22.40 -3.14 6.10
CA THR B 230 -23.54 -2.47 5.53
C THR B 230 -24.83 -3.21 5.77
N GLY B 231 -24.69 -4.37 6.42
CA GLY B 231 -25.82 -5.21 6.72
C GLY B 231 -26.16 -6.12 5.54
N VAL B 232 -26.97 -5.56 4.63
CA VAL B 232 -27.40 -6.29 3.45
C VAL B 232 -27.14 -5.53 2.17
N LYS B 233 -26.39 -6.18 1.28
CA LYS B 233 -26.09 -5.53 0.03
C LYS B 233 -27.28 -5.58 -0.92
N SER B 234 -27.47 -4.45 -1.59
CA SER B 234 -28.51 -4.28 -2.58
C SER B 234 -28.22 -5.22 -3.73
N ASP B 235 -29.23 -5.47 -4.53
CA ASP B 235 -29.07 -6.35 -5.66
C ASP B 235 -28.78 -5.61 -6.96
N ASP B 236 -28.85 -4.29 -6.90
CA ASP B 236 -28.57 -3.46 -8.06
C ASP B 236 -27.08 -3.22 -8.14
N GLN B 237 -26.38 -3.99 -9.01
CA GLN B 237 -24.94 -3.83 -9.14
C GLN B 237 -24.49 -2.51 -9.68
N PHE B 238 -25.38 -1.92 -10.48
CA PHE B 238 -25.09 -0.61 -11.02
C PHE B 238 -24.89 0.32 -9.83
N GLU B 239 -25.65 0.02 -8.78
CA GLU B 239 -25.58 0.81 -7.56
C GLU B 239 -24.59 0.24 -6.58
N GLU B 240 -24.91 -1.00 -6.22
CA GLU B 240 -24.16 -1.74 -5.26
C GLU B 240 -22.66 -1.77 -5.50
N SER B 241 -22.26 -2.07 -6.72
CA SER B 241 -20.85 -2.14 -7.07
C SER B 241 -20.10 -0.82 -6.98
N PHE B 242 -20.86 0.26 -6.85
CA PHE B 242 -20.25 1.56 -6.82
C PHE B 242 -20.40 2.32 -5.52
N LYS B 243 -20.64 1.59 -4.45
CA LYS B 243 -20.77 2.29 -3.20
C LYS B 243 -19.55 2.19 -2.33
N PHE B 244 -19.23 3.32 -1.70
CA PHE B 244 -18.08 3.38 -0.84
C PHE B 244 -18.53 3.65 0.56
N VAL B 245 -18.09 2.82 1.51
CA VAL B 245 -18.54 2.96 2.88
C VAL B 245 -17.53 3.28 3.94
N LEU B 246 -16.26 3.00 3.72
CA LEU B 246 -15.29 3.31 4.75
C LEU B 246 -14.09 3.95 4.10
N PRO B 247 -13.36 4.83 4.82
CA PRO B 247 -12.18 5.49 4.24
C PRO B 247 -11.02 4.50 4.23
N GLY B 248 -10.85 3.78 3.10
CA GLY B 248 -9.81 2.75 3.00
C GLY B 248 -8.62 3.08 2.11
N TYR B 249 -8.05 2.02 1.54
CA TYR B 249 -6.87 2.11 0.70
C TYR B 249 -7.00 1.10 -0.44
N ASN B 250 -5.96 1.06 -1.29
CA ASN B 250 -5.81 0.01 -2.28
C ASN B 250 -4.50 -0.66 -1.87
N VAL B 251 -4.61 -1.75 -1.10
CA VAL B 251 -3.45 -2.50 -0.63
C VAL B 251 -3.58 -3.97 -0.95
N ARG B 252 -4.28 -4.24 -2.04
CA ARG B 252 -4.48 -5.59 -2.48
C ARG B 252 -3.15 -6.24 -2.84
N PRO B 253 -3.04 -7.55 -2.59
CA PRO B 253 -1.85 -8.30 -2.96
C PRO B 253 -2.05 -8.79 -4.41
N LEU B 254 -1.01 -9.30 -5.06
CA LEU B 254 -1.18 -9.80 -6.41
C LEU B 254 -1.55 -11.28 -6.37
N GLU B 255 -2.27 -11.71 -7.41
CA GLU B 255 -2.67 -13.10 -7.45
C GLU B 255 -1.44 -14.00 -7.37
N MET B 256 -0.37 -13.59 -8.05
CA MET B 256 0.87 -14.36 -8.03
C MET B 256 1.35 -14.63 -6.62
N SER B 257 1.31 -13.61 -5.79
CA SER B 257 1.77 -13.77 -4.42
C SER B 257 0.93 -14.80 -3.70
N GLY B 258 -0.38 -14.76 -3.99
CA GLY B 258 -1.27 -15.71 -3.37
C GLY B 258 -0.92 -17.15 -3.79
N ALA B 259 -0.71 -17.38 -5.10
CA ALA B 259 -0.40 -18.70 -5.63
C ALA B 259 0.92 -19.25 -5.07
N ILE B 260 1.92 -18.38 -4.91
CA ILE B 260 3.21 -18.74 -4.35
C ILE B 260 3.06 -19.10 -2.87
N GLY B 261 2.18 -18.35 -2.19
CA GLY B 261 1.93 -18.54 -0.76
C GLY B 261 1.41 -19.93 -0.46
N ILE B 262 0.57 -20.44 -1.36
CA ILE B 262 -0.01 -21.77 -1.22
C ILE B 262 1.08 -22.83 -1.13
N GLU B 263 2.05 -22.73 -2.03
CA GLU B 263 3.18 -23.64 -2.06
C GLU B 263 4.05 -23.51 -0.81
N GLN B 264 4.33 -22.26 -0.46
CA GLN B 264 5.11 -21.95 0.73
C GLN B 264 4.51 -22.52 2.01
N LEU B 265 3.20 -22.38 2.23
CA LEU B 265 2.53 -22.87 3.43
C LEU B 265 2.70 -24.36 3.64
N LYS B 266 2.65 -25.11 2.55
CA LYS B 266 2.81 -26.54 2.61
C LYS B 266 4.19 -26.92 3.16
N LYS B 267 5.17 -26.09 2.82
CA LYS B 267 6.53 -26.33 3.26
C LYS B 267 6.89 -25.81 4.65
N LEU B 268 6.02 -24.98 5.20
CA LEU B 268 6.29 -24.36 6.48
C LEU B 268 6.73 -25.29 7.60
N PRO B 269 6.08 -26.44 7.77
CA PRO B 269 6.47 -27.33 8.85
C PRO B 269 7.94 -27.73 8.70
N ARG B 270 8.33 -27.96 7.47
CA ARG B 270 9.68 -28.31 7.25
C ARG B 270 10.64 -27.16 7.54
N PHE B 271 10.31 -25.95 7.09
CA PHE B 271 11.14 -24.77 7.33
C PHE B 271 11.38 -24.54 8.82
N ILE B 272 10.29 -24.59 9.60
CA ILE B 272 10.35 -24.40 11.03
C ILE B 272 11.25 -25.45 11.67
N SER B 273 11.10 -26.68 11.20
CA SER B 273 11.90 -27.78 11.69
C SER B 273 13.43 -27.54 11.54
N VAL B 274 13.83 -27.17 10.34
CA VAL B 274 15.24 -26.94 10.07
C VAL B 274 15.78 -25.76 10.86
N ARG B 275 14.99 -24.70 10.88
CA ARG B 275 15.39 -23.52 11.60
C ARG B 275 15.59 -23.85 13.08
N ARG B 276 14.69 -24.67 13.62
CA ARG B 276 14.74 -25.06 15.03
C ARG B 276 15.93 -25.96 15.33
N LYS B 277 16.30 -26.81 14.38
CA LYS B 277 17.46 -27.68 14.54
C LYS B 277 18.75 -26.91 14.55
N ASN B 278 18.79 -25.87 13.73
CA ASN B 278 19.95 -25.00 13.63
C ASN B 278 20.11 -24.23 14.94
N ALA B 279 18.97 -23.79 15.47
CA ALA B 279 18.96 -23.02 16.70
C ALA B 279 19.53 -23.86 17.83
N GLU B 280 19.13 -25.10 17.87
CA GLU B 280 19.59 -26.01 18.88
C GLU B 280 21.10 -26.13 18.86
N TYR B 281 21.60 -26.34 17.65
CA TYR B 281 23.02 -26.48 17.43
C TYR B 281 23.73 -25.19 17.84
N PHE B 282 23.16 -24.08 17.40
CA PHE B 282 23.72 -22.79 17.75
C PHE B 282 23.76 -22.59 19.26
N LEU B 283 22.68 -22.93 19.97
CA LEU B 283 22.68 -22.70 21.41
C LEU B 283 23.71 -23.54 22.10
N ASP B 284 23.83 -24.73 21.62
CA ASP B 284 24.81 -25.57 22.18
C ASP B 284 26.21 -24.97 21.99
N LYS B 285 26.48 -24.48 20.79
CA LYS B 285 27.79 -23.91 20.53
C LYS B 285 28.11 -22.60 21.23
N PHE B 286 27.10 -21.82 21.52
CA PHE B 286 27.32 -20.53 22.14
C PHE B 286 26.89 -20.45 23.58
N LYS B 287 26.55 -21.62 24.14
CA LYS B 287 26.07 -21.78 25.51
C LYS B 287 26.85 -20.96 26.52
N ASP B 288 28.15 -21.19 26.64
CA ASP B 288 28.89 -20.43 27.65
C ASP B 288 29.86 -19.45 27.05
N HIS B 289 29.43 -18.78 26.00
CA HIS B 289 30.30 -17.83 25.36
C HIS B 289 30.84 -16.80 26.34
N PRO B 290 32.14 -16.53 26.27
CA PRO B 290 32.82 -15.63 27.17
C PRO B 290 32.40 -14.16 27.08
N TYR B 291 31.99 -13.73 25.91
CA TYR B 291 31.60 -12.33 25.86
C TYR B 291 30.34 -12.04 25.06
N LEU B 292 29.54 -13.06 24.73
CA LEU B 292 28.31 -12.81 24.00
C LEU B 292 27.13 -13.50 24.61
N ASP B 293 26.03 -12.78 24.76
CA ASP B 293 24.83 -13.42 25.24
C ASP B 293 23.89 -13.69 24.09
N VAL B 294 23.14 -14.79 24.21
CA VAL B 294 22.17 -15.15 23.19
C VAL B 294 20.75 -14.86 23.62
N GLN B 295 19.84 -15.01 22.68
CA GLN B 295 18.44 -14.73 22.99
C GLN B 295 17.84 -15.83 23.85
N GLN B 296 17.13 -15.41 24.89
CA GLN B 296 16.50 -16.38 25.74
C GLN B 296 15.10 -16.74 25.18
N GLU B 297 14.92 -18.01 24.85
CA GLU B 297 13.69 -18.51 24.26
C GLU B 297 12.50 -18.60 25.22
N THR B 298 11.34 -18.22 24.68
CA THR B 298 10.07 -18.28 25.35
C THR B 298 9.23 -19.16 24.46
N GLY B 299 8.57 -20.16 25.04
CA GLY B 299 7.76 -21.09 24.25
C GLY B 299 8.66 -21.75 23.20
N GLU B 300 8.12 -21.94 22.00
CA GLU B 300 8.91 -22.50 20.92
C GLU B 300 9.10 -21.41 19.87
N SER B 301 10.31 -20.80 19.86
CA SER B 301 10.66 -19.75 18.92
C SER B 301 10.82 -20.28 17.49
N SER B 302 10.53 -19.42 16.50
CA SER B 302 10.70 -19.82 15.12
C SER B 302 12.01 -19.30 14.57
N TRP B 303 12.87 -18.84 15.51
CA TRP B 303 14.22 -18.37 15.25
C TRP B 303 14.47 -17.73 13.89
N PHE B 304 13.96 -16.52 13.74
CA PHE B 304 14.12 -15.75 12.54
C PHE B 304 15.61 -15.58 12.17
N GLY B 305 16.42 -15.38 13.20
CA GLY B 305 17.86 -15.20 13.05
C GLY B 305 18.51 -15.31 14.43
N PHE B 306 19.81 -15.08 14.48
CA PHE B 306 20.54 -15.18 15.73
C PHE B 306 21.15 -13.87 16.22
N SER B 307 20.64 -13.42 17.36
CA SER B 307 21.14 -12.22 18.01
C SER B 307 22.25 -12.54 19.04
N PHE B 308 23.09 -11.54 19.20
CA PHE B 308 24.19 -11.54 20.15
C PHE B 308 24.19 -10.19 20.80
N ILE B 309 24.41 -10.19 22.14
CA ILE B 309 24.55 -8.98 22.94
C ILE B 309 25.86 -9.08 23.70
N ILE B 310 26.79 -8.14 23.43
CA ILE B 310 28.10 -8.09 24.07
C ILE B 310 27.88 -7.98 25.55
N LYS B 311 28.53 -8.85 26.28
CA LYS B 311 28.39 -8.85 27.71
C LYS B 311 28.90 -7.57 28.35
N LYS B 312 28.16 -7.17 29.38
CA LYS B 312 28.46 -5.98 30.17
C LYS B 312 29.89 -6.11 30.69
N ASP B 313 30.65 -5.02 30.59
CA ASP B 313 32.03 -5.06 31.01
C ASP B 313 32.77 -6.28 30.44
N SER B 314 32.78 -6.42 29.13
CA SER B 314 33.50 -7.52 28.54
C SER B 314 34.62 -6.80 27.81
N GLY B 315 34.38 -5.50 27.69
CA GLY B 315 35.33 -4.67 27.02
C GLY B 315 35.36 -4.96 25.54
N VAL B 316 34.43 -5.78 25.07
CA VAL B 316 34.44 -6.03 23.65
C VAL B 316 33.75 -4.86 22.94
N ILE B 317 34.28 -4.43 21.78
CA ILE B 317 33.72 -3.31 21.01
C ILE B 317 32.96 -3.80 19.78
N ARG B 318 31.69 -3.41 19.68
CA ARG B 318 30.86 -3.81 18.58
C ARG B 318 31.51 -3.67 17.23
N LYS B 319 32.05 -2.49 17.01
CA LYS B 319 32.70 -2.18 15.76
C LYS B 319 33.69 -3.23 15.32
N GLN B 320 34.59 -3.67 16.20
CA GLN B 320 35.56 -4.68 15.81
C GLN B 320 34.91 -5.98 15.39
N LEU B 321 33.92 -6.42 16.19
CA LEU B 321 33.19 -7.67 15.92
C LEU B 321 32.61 -7.64 14.53
N VAL B 322 31.98 -6.53 14.25
CA VAL B 322 31.36 -6.39 12.97
C VAL B 322 32.41 -6.51 11.88
N GLU B 323 33.51 -5.78 12.05
CA GLU B 323 34.57 -5.85 11.05
C GLU B 323 35.02 -7.29 10.95
N ASN B 324 35.30 -7.86 12.09
CA ASN B 324 35.72 -9.24 12.11
C ASN B 324 34.78 -10.17 11.36
N LEU B 325 33.50 -10.08 11.66
CA LEU B 325 32.57 -10.96 10.98
C LEU B 325 32.61 -10.76 9.46
N ASN B 326 32.53 -9.50 9.06
CA ASN B 326 32.53 -9.13 7.65
C ASN B 326 33.74 -9.58 6.83
N SER B 327 34.89 -9.45 7.47
CA SER B 327 36.17 -9.81 6.94
C SER B 327 36.27 -11.32 6.72
N ALA B 328 35.47 -12.03 7.52
CA ALA B 328 35.33 -13.48 7.54
C ALA B 328 34.29 -13.99 6.55
N GLY B 329 33.60 -13.07 5.91
CA GLY B 329 32.56 -13.44 4.96
C GLY B 329 31.17 -13.67 5.58
N ILE B 330 30.98 -13.20 6.82
CA ILE B 330 29.69 -13.34 7.52
C ILE B 330 28.97 -11.99 7.54
N GLU B 331 27.79 -12.05 6.98
CA GLU B 331 26.94 -10.89 6.90
C GLU B 331 26.27 -10.66 8.26
N CYS B 332 26.14 -9.39 8.65
CA CYS B 332 25.52 -9.08 9.93
C CYS B 332 24.78 -7.74 9.93
N ARG B 333 23.90 -7.56 10.92
CA ARG B 333 23.17 -6.32 10.98
C ARG B 333 22.79 -6.01 12.41
N PRO B 334 22.27 -4.81 12.65
CA PRO B 334 21.89 -4.46 14.00
C PRO B 334 20.66 -5.29 14.33
N ILE B 335 20.31 -5.35 15.60
CA ILE B 335 19.10 -6.10 15.92
C ILE B 335 17.91 -5.26 15.52
N VAL B 336 17.37 -5.53 14.33
CA VAL B 336 16.26 -4.76 13.76
C VAL B 336 16.72 -3.32 13.55
N THR B 337 16.12 -2.42 14.30
CA THR B 337 16.48 -1.05 14.19
C THR B 337 17.11 -0.55 15.48
N GLY B 338 17.50 -1.45 16.37
CA GLY B 338 18.09 -0.98 17.61
C GLY B 338 17.05 -0.19 18.40
N ASN B 339 17.52 0.75 19.18
CA ASN B 339 16.61 1.56 19.97
C ASN B 339 15.88 2.52 19.06
N PHE B 340 14.59 2.25 18.82
CA PHE B 340 13.83 3.12 17.96
C PHE B 340 13.80 4.56 18.43
N LEU B 341 13.89 4.75 19.73
CA LEU B 341 13.87 6.10 20.24
C LEU B 341 14.99 7.01 19.78
N LYS B 342 16.01 6.41 19.18
CA LYS B 342 17.08 7.27 18.71
C LYS B 342 16.68 8.12 17.50
N ASN B 343 15.62 7.74 16.78
CA ASN B 343 15.15 8.43 15.56
C ASN B 343 14.36 9.70 15.83
N THR B 344 15.07 10.70 16.35
CA THR B 344 14.55 11.99 16.78
C THR B 344 13.81 12.82 15.76
N ASP B 345 14.18 12.62 14.50
CA ASP B 345 13.58 13.35 13.43
C ASP B 345 12.21 12.83 13.10
N VAL B 346 12.05 11.54 13.23
CA VAL B 346 10.76 11.07 12.90
C VAL B 346 9.83 11.22 14.10
N LEU B 347 10.41 11.16 15.30
CA LEU B 347 9.62 11.23 16.53
C LEU B 347 8.95 12.56 16.77
N LYS B 348 9.46 13.57 16.07
CA LYS B 348 8.93 14.92 16.14
C LYS B 348 7.49 14.91 15.67
N TYR B 349 7.16 13.90 14.87
CA TYR B 349 5.81 13.79 14.35
C TYR B 349 4.89 13.02 15.27
N PHE B 350 5.46 12.36 16.28
CA PHE B 350 4.60 11.60 17.17
C PHE B 350 4.26 12.33 18.44
N ASP B 351 3.16 11.87 19.01
CA ASP B 351 2.64 12.30 20.30
C ASP B 351 2.99 11.11 21.19
N TYR B 352 4.12 11.21 21.87
CA TYR B 352 4.51 10.08 22.64
C TYR B 352 5.13 10.40 23.95
N THR B 353 5.31 9.33 24.68
CA THR B 353 5.91 9.39 25.99
C THR B 353 6.71 8.12 26.21
N VAL B 354 7.72 8.20 27.07
CA VAL B 354 8.54 7.05 27.41
C VAL B 354 8.30 6.57 28.85
N HIS B 355 7.91 5.34 29.01
CA HIS B 355 7.69 4.89 30.35
C HIS B 355 9.02 4.68 31.02
N ASN B 356 9.27 5.38 32.14
CA ASN B 356 10.52 5.22 32.88
C ASN B 356 11.76 5.60 32.07
N ASN B 357 12.46 4.58 31.54
CA ASN B 357 13.65 4.76 30.71
C ASN B 357 13.75 3.58 29.73
N VAL B 358 14.67 3.66 28.76
CA VAL B 358 14.80 2.53 27.86
C VAL B 358 16.22 2.06 27.82
N ASP B 359 16.77 1.97 28.99
CA ASP B 359 18.13 1.57 29.22
C ASP B 359 18.55 0.29 28.49
N ASN B 360 17.71 -0.75 28.52
CA ASN B 360 18.03 -1.99 27.82
C ASN B 360 18.10 -1.80 26.30
N ALA B 361 17.14 -1.04 25.76
CA ALA B 361 17.08 -0.72 24.36
C ALA B 361 18.35 0.02 23.94
N GLU B 362 18.78 0.95 24.78
CA GLU B 362 20.01 1.68 24.48
C GLU B 362 21.23 0.79 24.50
N TYR B 363 21.27 -0.12 25.48
CA TYR B 363 22.39 -1.03 25.58
C TYR B 363 22.51 -1.88 24.30
N LEU B 364 21.37 -2.48 23.93
CA LEU B 364 21.26 -3.30 22.73
C LEU B 364 21.66 -2.51 21.50
N ASP B 365 21.17 -1.27 21.47
CA ASP B 365 21.47 -0.37 20.37
C ASP B 365 22.97 -0.24 20.09
N LYS B 366 23.75 -0.28 21.15
CA LYS B 366 25.18 -0.14 20.99
C LYS B 366 25.94 -1.44 21.05
N ASN B 367 25.34 -2.44 21.67
CA ASN B 367 26.08 -3.69 21.79
C ASN B 367 25.45 -4.88 21.13
N GLY B 368 24.43 -4.69 20.29
CA GLY B 368 23.81 -5.86 19.70
C GLY B 368 24.03 -6.03 18.21
N LEU B 369 23.89 -7.26 17.76
CA LEU B 369 24.05 -7.51 16.36
C LEU B 369 23.38 -8.81 16.09
N PHE B 370 23.21 -9.15 14.81
CA PHE B 370 22.53 -10.37 14.49
C PHE B 370 22.98 -10.94 13.15
N VAL B 371 23.02 -12.27 13.10
CA VAL B 371 23.40 -13.03 11.91
C VAL B 371 22.23 -13.90 11.47
N GLY B 372 22.21 -14.38 10.24
CA GLY B 372 21.06 -15.14 9.75
C GLY B 372 20.87 -16.58 10.19
N ASN B 373 19.61 -16.98 10.12
CA ASN B 373 19.17 -18.33 10.37
C ASN B 373 18.40 -18.70 9.08
N HIS B 374 18.54 -19.91 8.54
CA HIS B 374 17.83 -20.26 7.31
C HIS B 374 17.11 -21.56 7.47
N GLN B 375 16.25 -21.82 6.49
CA GLN B 375 15.49 -23.05 6.43
C GLN B 375 16.33 -24.15 5.79
N ILE B 376 17.65 -23.95 5.84
CA ILE B 376 18.68 -24.86 5.34
C ILE B 376 19.62 -25.18 6.51
N GLU B 377 20.14 -26.41 6.62
CA GLU B 377 21.06 -26.81 7.70
C GLU B 377 22.31 -25.93 7.62
N LEU B 378 22.68 -25.33 8.75
CA LEU B 378 23.79 -24.41 8.84
C LEU B 378 24.85 -24.82 9.85
N PHE B 379 24.92 -26.11 10.12
CA PHE B 379 25.88 -26.60 11.08
C PHE B 379 27.29 -26.10 10.85
N ASP B 380 27.77 -26.17 9.59
CA ASP B 380 29.11 -25.75 9.22
C ASP B 380 29.35 -24.26 9.40
N GLU B 381 28.32 -23.47 9.06
CA GLU B 381 28.38 -22.03 9.16
C GLU B 381 28.47 -21.59 10.61
N ILE B 382 27.78 -22.38 11.43
CA ILE B 382 27.74 -22.20 12.87
C ILE B 382 29.04 -22.62 13.52
N ASP B 383 29.66 -23.69 13.04
CA ASP B 383 30.95 -24.03 13.60
C ASP B 383 31.96 -22.91 13.29
N TYR B 384 31.93 -22.45 12.06
CA TYR B 384 32.80 -21.38 11.59
C TYR B 384 32.54 -20.07 12.36
N LEU B 385 31.27 -19.69 12.50
CA LEU B 385 30.94 -18.49 13.23
C LEU B 385 31.54 -18.52 14.63
N ARG B 386 31.38 -19.66 15.26
CA ARG B 386 31.87 -19.88 16.60
C ARG B 386 33.36 -19.65 16.64
N GLU B 387 34.00 -20.15 15.58
CA GLU B 387 35.43 -20.05 15.41
C GLU B 387 35.86 -18.60 15.29
N VAL B 388 35.06 -17.85 14.56
CA VAL B 388 35.39 -16.46 14.35
C VAL B 388 35.19 -15.62 15.58
N LEU B 389 34.18 -16.00 16.34
CA LEU B 389 33.85 -15.28 17.54
C LEU B 389 34.46 -15.94 18.73
N LYS B 390 35.78 -15.94 18.73
CA LYS B 390 36.50 -16.52 19.83
C LYS B 390 37.03 -15.40 20.70
MG MG C . -12.93 -4.88 -36.48
O3 P0P D . -9.83 6.36 -11.75
N1 P0P D . -7.93 7.83 -9.12
C2 P0P D . -8.76 7.73 -10.14
C2A P0P D . -9.41 8.95 -10.74
C3 P0P D . -9.01 6.50 -10.68
C4 P0P D . -8.39 5.38 -10.15
C4A P0P D . -8.64 4.02 -10.78
O4A P0P D . -9.17 4.22 -12.06
O4B P0P D . -9.53 3.28 -10.02
C5 P0P D . -7.56 5.48 -8.99
C6 P0P D . -7.34 6.76 -8.57
C5A P0P D . -6.94 4.33 -8.63
O4P P0P D . -5.88 3.71 -9.20
P P0P D . -5.68 2.21 -8.69
O1P P0P D . -6.89 1.47 -9.10
O2P P0P D . -4.39 1.68 -9.49
O3P P0P D . -5.44 2.10 -7.11
O3 P0P E . 10.11 -6.86 11.17
N1 P0P E . 6.91 -5.31 11.43
C2 P0P E . 8.03 -5.90 11.79
C2A P0P E . 8.34 -6.22 13.23
C3 P0P E . 8.95 -6.24 10.83
C4 P0P E . 8.69 -5.97 9.48
C4A P0P E . 9.72 -6.40 8.44
O4A P0P E . 10.58 -7.36 8.98
O4B P0P E . 10.48 -5.32 8.02
C5 P0P E . 7.51 -5.31 9.10
C6 P0P E . 6.62 -5.04 10.14
C5A P0P E . 7.32 -5.22 7.78
O4P P0P E . 6.86 -6.14 6.91
P P0P E . 7.13 -5.77 5.38
O1P P0P E . 8.57 -5.72 5.13
O2P P0P E . 6.52 -6.98 4.53
O3P P0P E . 6.46 -4.36 4.96
#